data_3ZJK
#
_entry.id   3ZJK
#
_cell.length_a   98.557
_cell.length_b   77.322
_cell.length_c   101.767
_cell.angle_alpha   90.00
_cell.angle_beta   103.46
_cell.angle_gamma   90.00
#
_symmetry.space_group_name_H-M   'P 1 21 1'
#
loop_
_entity.id
_entity.type
_entity.pdbx_description
1 polymer 'BETA GLYCOSIDASE'
2 non-polymer GLYCEROL
3 non-polymer 'CHLORIDE ION'
4 water water
#
_entity_poly.entity_id   1
_entity_poly.type   'polypeptide(L)'
_entity_poly.pdbx_seq_one_letter_code
;MTENAEKFLWGVATSAYQIEGATQEDGRGPSIWDAFAQRPGAIRDGSTGEPACDHYRRYEEDIALMQSLGVRAYRFSVAW
PRILPEGRGRINPKGLAFYDRLVDRLLASGITPFLTLYHWDLPLALEERGGWRSRETAFAFAEYAEAVARALADRVPFFA
TLNEPWCSAFLGHWTGEHAPGLRNLEAALRAAHHLLLGHGLAVEALRAAGARRVGIVLNFAPAYGEDPEAVDVADRYHNR
FFLDPILGKGYPESPFRDPPPVPILSRDLELVARPLDFLGVNYYAPVRVAPGTGTLPVRYLPPEGPATAMGWEVYPEGLH
HLLKRLGREVPWPLYVTENGAAYPDLWTGEAVVEDPERVAYLEAHVEAALRAREEGVDLRGYFVWSLMDNFEWAFGYTRR
SGLYYVDFPSQRRIPKRSALWYRERIARAQT
;
_entity_poly.pdbx_strand_id   A,B,C
#
loop_
_chem_comp.id
_chem_comp.type
_chem_comp.name
_chem_comp.formula
CL non-polymer 'CHLORIDE ION' 'Cl -1'
GOL non-polymer GLYCEROL 'C3 H8 O3'
#
# COMPACT_ATOMS: atom_id res chain seq x y z
N GLU A 6 -3.96 -23.22 5.43
CA GLU A 6 -3.16 -22.51 4.39
C GLU A 6 -2.20 -23.47 3.63
N LYS A 7 -1.95 -23.13 2.36
CA LYS A 7 -1.07 -23.91 1.50
C LYS A 7 0.39 -23.58 1.85
N PHE A 8 1.14 -24.60 2.30
CA PHE A 8 2.59 -24.51 2.53
C PHE A 8 3.21 -24.17 1.16
N LEU A 9 4.21 -23.27 1.11
CA LEU A 9 4.71 -22.84 -0.20
C LEU A 9 5.90 -23.68 -0.70
N TRP A 10 5.66 -24.56 -1.68
CA TRP A 10 6.77 -25.24 -2.35
C TRP A 10 7.34 -24.34 -3.43
N GLY A 11 8.57 -23.85 -3.25
CA GLY A 11 9.11 -22.91 -4.28
C GLY A 11 10.46 -23.24 -4.84
N VAL A 12 10.93 -22.35 -5.70
CA VAL A 12 12.29 -22.34 -6.17
C VAL A 12 12.69 -20.85 -6.11
N ALA A 13 13.97 -20.57 -6.08
CA ALA A 13 14.45 -19.19 -5.90
C ALA A 13 15.53 -18.87 -6.92
N THR A 14 15.63 -17.59 -7.28
CA THR A 14 16.69 -17.07 -8.19
C THR A 14 16.97 -15.60 -7.73
N SER A 15 17.88 -14.92 -8.40
CA SER A 15 18.04 -13.45 -8.24
C SER A 15 18.31 -12.82 -9.62
N ALA A 16 18.08 -11.52 -9.69
CA ALA A 16 18.02 -10.85 -10.99
C ALA A 16 19.38 -10.89 -11.70
N TYR A 17 20.44 -10.49 -11.00
CA TYR A 17 21.72 -10.37 -11.70
C TYR A 17 22.22 -11.78 -12.07
N GLN A 18 21.85 -12.80 -11.28
CA GLN A 18 22.35 -14.13 -11.56
C GLN A 18 21.71 -14.78 -12.80
N ILE A 19 20.57 -14.26 -13.27
CA ILE A 19 19.85 -14.95 -14.37
C ILE A 19 19.43 -14.11 -15.53
N GLU A 20 19.17 -12.82 -15.31
CA GLU A 20 18.61 -11.99 -16.34
C GLU A 20 19.39 -11.77 -17.62
N GLY A 21 20.69 -11.47 -17.59
CA GLY A 21 21.29 -10.92 -18.79
C GLY A 21 20.62 -9.60 -19.08
N ALA A 22 20.65 -9.16 -20.34
CA ALA A 22 20.12 -7.88 -20.74
C ALA A 22 20.73 -6.76 -19.86
N THR A 23 22.03 -6.85 -19.60
CA THR A 23 22.67 -5.94 -18.63
C THR A 23 22.67 -4.50 -19.13
N GLN A 24 22.68 -4.31 -20.43
CA GLN A 24 22.68 -2.96 -21.01
C GLN A 24 21.52 -2.80 -21.99
N GLU A 25 20.39 -3.41 -21.69
CA GLU A 25 19.21 -3.24 -22.47
C GLU A 25 18.14 -2.43 -21.72
N ASP A 26 17.27 -1.84 -22.49
CA ASP A 26 16.04 -1.25 -22.00
C ASP A 26 16.31 -0.22 -20.92
N GLY A 27 17.42 0.45 -20.99
CA GLY A 27 17.67 1.53 -20.07
C GLY A 27 18.31 1.06 -18.73
N ARG A 28 18.73 -0.19 -18.60
CA ARG A 28 19.25 -0.67 -17.30
C ARG A 28 20.55 0.08 -16.99
N GLY A 29 20.65 0.66 -15.80
CA GLY A 29 21.90 1.27 -15.34
C GLY A 29 22.84 0.18 -14.85
N PRO A 30 24.16 0.44 -14.84
CA PRO A 30 25.07 -0.58 -14.34
C PRO A 30 24.93 -0.75 -12.85
N SER A 31 25.21 -1.94 -12.35
CA SER A 31 25.28 -2.17 -10.91
C SER A 31 26.73 -2.37 -10.42
N ILE A 32 26.92 -2.40 -9.09
CA ILE A 32 28.25 -2.67 -8.48
C ILE A 32 28.81 -4.00 -8.97
N TRP A 33 27.97 -5.05 -9.20
CA TRP A 33 28.42 -6.32 -9.80
C TRP A 33 28.91 -6.21 -11.23
N ASP A 34 28.29 -5.37 -12.07
CA ASP A 34 28.85 -5.11 -13.44
C ASP A 34 30.28 -4.57 -13.38
N ALA A 35 30.53 -3.63 -12.49
CA ALA A 35 31.87 -3.07 -12.38
C ALA A 35 32.79 -4.11 -11.76
N PHE A 36 32.35 -4.82 -10.74
CA PHE A 36 33.25 -5.73 -9.97
C PHE A 36 33.75 -6.83 -10.91
N ALA A 37 32.82 -7.29 -11.77
CA ALA A 37 33.09 -8.37 -12.73
C ALA A 37 34.06 -7.95 -13.85
N GLN A 38 34.37 -6.64 -13.89
CA GLN A 38 35.30 -6.11 -14.87
C GLN A 38 36.71 -6.16 -14.30
N ARG A 39 36.81 -6.29 -12.98
CA ARG A 39 38.11 -6.39 -12.31
C ARG A 39 38.81 -7.75 -12.51
N PRO A 40 40.04 -7.71 -12.98
CA PRO A 40 40.82 -8.93 -13.22
C PRO A 40 40.92 -9.79 -11.95
N GLY A 41 40.59 -11.06 -12.08
CA GLY A 41 40.55 -11.96 -10.94
C GLY A 41 39.44 -11.87 -9.90
N ALA A 42 38.47 -10.97 -10.04
CA ALA A 42 37.31 -11.01 -9.11
C ALA A 42 36.41 -12.24 -9.38
N ILE A 43 36.28 -12.64 -10.63
CA ILE A 43 35.44 -13.81 -10.97
C ILE A 43 36.35 -14.94 -11.51
N ARG A 44 36.34 -16.09 -10.86
CA ARG A 44 37.31 -17.16 -11.13
C ARG A 44 37.42 -17.56 -12.61
N ASP A 45 36.33 -17.50 -13.36
CA ASP A 45 36.40 -17.95 -14.75
C ASP A 45 36.40 -16.76 -15.68
N GLY A 46 36.64 -15.56 -15.12
CA GLY A 46 36.68 -14.31 -15.92
C GLY A 46 35.31 -13.95 -16.48
N SER A 47 34.21 -14.50 -15.96
CA SER A 47 32.92 -14.25 -16.55
C SER A 47 32.17 -13.06 -15.91
N THR A 48 31.05 -12.69 -16.51
CA THR A 48 30.24 -11.58 -16.01
C THR A 48 28.76 -11.93 -16.03
N GLY A 49 27.93 -11.00 -15.57
CA GLY A 49 26.50 -11.20 -15.52
C GLY A 49 25.90 -11.43 -16.90
N GLU A 50 26.68 -11.15 -17.93
CA GLU A 50 26.24 -11.31 -19.31
C GLU A 50 26.74 -12.63 -19.89
N PRO A 51 25.81 -13.45 -20.37
CA PRO A 51 24.38 -13.10 -20.34
C PRO A 51 23.59 -14.03 -19.43
N ALA A 52 24.19 -14.41 -18.30
CA ALA A 52 23.53 -15.29 -17.35
C ALA A 52 22.69 -16.35 -18.06
N CYS A 53 21.41 -16.42 -17.71
CA CYS A 53 20.50 -17.39 -18.32
C CYS A 53 19.54 -16.76 -19.28
N ASP A 54 19.80 -15.49 -19.66
CA ASP A 54 18.99 -14.81 -20.69
C ASP A 54 17.55 -14.77 -20.28
N HIS A 55 17.32 -14.79 -18.95
CA HIS A 55 15.97 -14.87 -18.40
C HIS A 55 15.09 -13.70 -18.78
N TYR A 56 15.67 -12.52 -18.97
CA TYR A 56 14.89 -11.34 -19.32
C TYR A 56 14.07 -11.53 -20.65
N ARG A 57 14.60 -12.30 -21.60
CA ARG A 57 13.87 -12.65 -22.85
C ARG A 57 13.15 -13.99 -22.71
N ARG A 58 13.65 -14.88 -21.85
CA ARG A 58 13.11 -16.24 -21.83
C ARG A 58 12.16 -16.50 -20.65
N TYR A 59 11.63 -15.47 -20.00
CA TYR A 59 10.89 -15.73 -18.74
C TYR A 59 9.62 -16.59 -18.91
N GLU A 60 8.97 -16.58 -20.07
CA GLU A 60 7.79 -17.41 -20.32
C GLU A 60 8.14 -18.86 -20.16
N GLU A 61 9.12 -19.27 -20.96
CA GLU A 61 9.73 -20.59 -20.95
C GLU A 61 10.11 -21.03 -19.51
N ASP A 62 10.68 -20.10 -18.76
CA ASP A 62 11.15 -20.41 -17.39
C ASP A 62 9.97 -20.61 -16.42
N ILE A 63 8.93 -19.81 -16.56
CA ILE A 63 7.72 -20.05 -15.79
C ILE A 63 7.08 -21.40 -16.15
N ALA A 64 7.02 -21.74 -17.45
CA ALA A 64 6.56 -23.07 -17.87
C ALA A 64 7.39 -24.19 -17.21
N LEU A 65 8.70 -23.98 -17.02
CA LEU A 65 9.48 -24.99 -16.32
C LEU A 65 9.03 -25.16 -14.87
N MET A 66 8.66 -24.03 -14.27
CA MET A 66 8.20 -24.03 -12.88
C MET A 66 6.90 -24.79 -12.79
N GLN A 67 6.01 -24.53 -13.75
CA GLN A 67 4.72 -25.22 -13.82
C GLN A 67 4.90 -26.68 -13.98
N SER A 68 5.88 -27.08 -14.74
CA SER A 68 6.03 -28.49 -14.96
C SER A 68 6.57 -29.25 -13.78
N LEU A 69 7.07 -28.55 -12.76
CA LEU A 69 7.45 -29.17 -11.50
C LEU A 69 6.33 -29.14 -10.48
N GLY A 70 5.30 -28.32 -10.74
CA GLY A 70 4.22 -28.21 -9.80
C GLY A 70 4.61 -27.30 -8.65
N VAL A 71 5.67 -26.52 -8.83
CA VAL A 71 6.08 -25.54 -7.85
C VAL A 71 4.92 -24.54 -7.59
N ARG A 72 4.67 -24.14 -6.34
CA ARG A 72 3.57 -23.18 -6.16
C ARG A 72 3.98 -21.75 -5.82
N ALA A 73 5.28 -21.48 -5.75
CA ALA A 73 5.75 -20.13 -5.45
C ALA A 73 7.11 -19.89 -6.11
N TYR A 74 7.36 -18.66 -6.55
CA TYR A 74 8.60 -18.32 -7.20
C TYR A 74 9.23 -17.15 -6.49
N ARG A 75 10.42 -17.37 -5.91
CA ARG A 75 11.13 -16.34 -5.25
C ARG A 75 12.16 -15.75 -6.24
N PHE A 76 12.09 -14.44 -6.43
CA PHE A 76 12.94 -13.75 -7.38
C PHE A 76 13.29 -12.37 -6.81
N SER A 77 14.28 -11.71 -7.41
CA SER A 77 14.59 -10.35 -7.05
C SER A 77 14.32 -9.39 -8.17
N VAL A 78 14.03 -8.16 -7.79
CA VAL A 78 13.89 -7.04 -8.71
C VAL A 78 15.25 -6.32 -8.85
N ALA A 79 15.69 -6.04 -10.08
CA ALA A 79 16.92 -5.30 -10.31
C ALA A 79 16.72 -3.78 -10.11
N TRP A 80 17.22 -3.26 -9.00
CA TRP A 80 17.12 -1.83 -8.69
C TRP A 80 17.60 -0.98 -9.86
N PRO A 81 18.76 -1.36 -10.46
CA PRO A 81 19.33 -0.56 -11.57
C PRO A 81 18.42 -0.57 -12.80
N ARG A 82 17.51 -1.57 -12.93
CA ARG A 82 16.47 -1.48 -14.02
C ARG A 82 15.37 -0.49 -13.67
N ILE A 83 15.18 -0.23 -12.37
CA ILE A 83 14.01 0.61 -11.97
C ILE A 83 14.39 2.09 -11.93
N LEU A 84 15.55 2.33 -11.32
CA LEU A 84 16.13 3.65 -11.24
C LEU A 84 17.59 3.49 -11.65
N PRO A 85 17.92 3.81 -12.93
CA PRO A 85 19.29 3.53 -13.42
C PRO A 85 20.37 4.34 -12.74
N GLU A 86 20.03 5.47 -12.12
CA GLU A 86 21.00 6.13 -11.30
C GLU A 86 20.77 5.86 -9.85
N GLY A 87 19.88 4.93 -9.48
CA GLY A 87 19.71 4.65 -8.06
C GLY A 87 18.65 5.46 -7.34
N ARG A 88 18.41 6.68 -7.80
CA ARG A 88 17.50 7.59 -7.15
C ARG A 88 16.98 8.60 -8.19
N GLY A 89 15.79 9.17 -7.94
CA GLY A 89 15.25 10.16 -8.85
C GLY A 89 14.49 9.54 -10.00
N ARG A 90 15.12 9.52 -11.15
CA ARG A 90 14.46 9.14 -12.38
C ARG A 90 14.06 7.62 -12.43
N ILE A 91 12.84 7.35 -12.89
CA ILE A 91 12.27 6.04 -12.90
C ILE A 91 12.21 5.57 -14.36
N ASN A 92 12.64 4.33 -14.61
CA ASN A 92 12.66 3.82 -15.96
C ASN A 92 11.46 2.88 -16.16
N PRO A 93 10.47 3.31 -16.93
CA PRO A 93 9.22 2.53 -17.00
C PRO A 93 9.41 1.18 -17.64
N LYS A 94 10.36 1.01 -18.55
CA LYS A 94 10.61 -0.31 -19.10
C LYS A 94 10.96 -1.29 -18.01
N GLY A 95 11.56 -0.81 -16.93
CA GLY A 95 11.93 -1.71 -15.80
C GLY A 95 10.71 -2.29 -15.10
N LEU A 96 9.84 -1.42 -14.63
CA LEU A 96 8.68 -1.84 -13.92
C LEU A 96 7.76 -2.61 -14.90
N ALA A 97 7.77 -2.24 -16.20
CA ALA A 97 6.99 -2.99 -17.19
C ALA A 97 7.41 -4.45 -17.26
N PHE A 98 8.73 -4.72 -17.23
CA PHE A 98 9.16 -6.11 -17.24
C PHE A 98 8.67 -6.92 -16.00
N TYR A 99 8.86 -6.39 -14.79
CA TYR A 99 8.43 -7.12 -13.58
C TYR A 99 6.91 -7.20 -13.45
N ASP A 100 6.22 -6.18 -13.94
CA ASP A 100 4.77 -6.18 -14.03
C ASP A 100 4.29 -7.36 -14.86
N ARG A 101 4.92 -7.56 -16.01
CA ARG A 101 4.52 -8.63 -16.91
C ARG A 101 4.95 -9.99 -16.33
N LEU A 102 6.10 -10.05 -15.70
CA LEU A 102 6.49 -11.28 -15.04
C LEU A 102 5.47 -11.70 -13.95
N VAL A 103 5.05 -10.75 -13.12
CA VAL A 103 4.05 -11.02 -12.10
C VAL A 103 2.73 -11.54 -12.70
N ASP A 104 2.24 -10.87 -13.76
CA ASP A 104 0.97 -11.33 -14.42
C ASP A 104 1.12 -12.79 -14.84
N ARG A 105 2.27 -13.16 -15.40
CA ARG A 105 2.45 -14.51 -15.94
C ARG A 105 2.51 -15.57 -14.84
N LEU A 106 3.14 -15.24 -13.71
CA LEU A 106 3.16 -16.10 -12.54
C LEU A 106 1.76 -16.35 -12.04
N LEU A 107 0.96 -15.28 -12.00
CA LEU A 107 -0.38 -15.43 -11.47
C LEU A 107 -1.22 -16.28 -12.42
N ALA A 108 -1.11 -16.01 -13.73
CA ALA A 108 -1.83 -16.82 -14.71
C ALA A 108 -1.40 -18.32 -14.64
N SER A 109 -0.20 -18.61 -14.11
CA SER A 109 0.35 -19.98 -14.08
C SER A 109 0.19 -20.69 -12.73
N GLY A 110 -0.52 -20.05 -11.79
CA GLY A 110 -0.81 -20.58 -10.45
C GLY A 110 0.33 -20.37 -9.44
N ILE A 111 1.24 -19.44 -9.71
CA ILE A 111 2.43 -19.32 -8.88
C ILE A 111 2.36 -18.07 -8.01
N THR A 112 2.57 -18.24 -6.71
CA THR A 112 2.68 -17.10 -5.75
C THR A 112 4.01 -16.31 -5.94
N PRO A 113 3.95 -15.03 -6.36
CA PRO A 113 5.23 -14.27 -6.38
C PRO A 113 5.81 -14.05 -4.96
N PHE A 114 7.12 -14.17 -4.80
CA PHE A 114 7.80 -13.98 -3.51
C PHE A 114 9.02 -13.13 -3.79
N LEU A 115 8.87 -11.81 -3.57
CA LEU A 115 9.78 -10.84 -4.15
C LEU A 115 10.87 -10.34 -3.21
N THR A 116 12.12 -10.37 -3.66
CA THR A 116 13.25 -9.81 -2.96
C THR A 116 13.56 -8.45 -3.57
N LEU A 117 13.69 -7.37 -2.77
CA LEU A 117 13.93 -6.06 -3.36
C LEU A 117 15.40 -5.84 -3.65
N TYR A 118 16.25 -6.22 -2.69
CA TYR A 118 17.68 -6.06 -2.84
C TYR A 118 18.39 -7.39 -2.77
N HIS A 119 18.89 -7.84 -3.92
CA HIS A 119 19.74 -9.02 -3.91
C HIS A 119 21.09 -8.60 -4.51
N TRP A 120 21.76 -7.62 -3.86
CA TRP A 120 23.21 -7.29 -4.08
C TRP A 120 23.55 -6.36 -5.24
N ASP A 121 22.63 -6.15 -6.17
CA ASP A 121 22.93 -5.33 -7.32
C ASP A 121 22.72 -3.82 -7.11
N LEU A 122 23.45 -3.25 -6.14
CA LEU A 122 23.37 -1.82 -5.87
C LEU A 122 23.73 -1.04 -7.13
N PRO A 123 22.89 -0.09 -7.56
CA PRO A 123 23.29 0.82 -8.67
C PRO A 123 24.67 1.45 -8.44
N LEU A 124 25.53 1.37 -9.45
CA LEU A 124 26.86 1.93 -9.44
C LEU A 124 26.84 3.45 -9.16
N ALA A 125 25.81 4.17 -9.63
CA ALA A 125 25.77 5.60 -9.32
C ALA A 125 25.74 5.88 -7.83
N LEU A 126 25.10 4.99 -7.04
CA LEU A 126 25.01 5.19 -5.60
C LEU A 126 26.33 4.81 -4.95
N GLU A 127 27.00 3.80 -5.47
CA GLU A 127 28.30 3.37 -4.91
C GLU A 127 29.32 4.44 -5.10
N GLU A 128 29.26 5.14 -6.20
CA GLU A 128 30.23 6.23 -6.35
C GLU A 128 29.96 7.50 -5.48
N ARG A 129 28.87 7.46 -4.70
CA ARG A 129 28.59 8.47 -3.70
C ARG A 129 28.69 7.79 -2.32
N GLY A 130 29.43 6.67 -2.26
CA GLY A 130 29.71 5.96 -1.01
C GLY A 130 28.86 4.69 -0.75
N GLY A 131 27.84 4.41 -1.60
CA GLY A 131 27.05 3.17 -1.49
C GLY A 131 26.57 2.92 -0.05
N TRP A 132 26.68 1.70 0.44
CA TRP A 132 26.05 1.37 1.72
C TRP A 132 26.80 2.02 2.85
N ARG A 133 27.99 2.57 2.60
CA ARG A 133 28.71 3.36 3.60
C ARG A 133 28.03 4.74 3.83
N SER A 134 27.23 5.15 2.89
CA SER A 134 26.57 6.45 2.99
C SER A 134 25.12 6.31 3.49
N ARG A 135 24.76 7.12 4.47
CA ARG A 135 23.43 7.02 5.07
C ARG A 135 22.33 7.30 4.02
N GLU A 136 22.66 8.09 3.00
CA GLU A 136 21.69 8.48 1.98
C GLU A 136 21.21 7.28 1.20
N THR A 137 22.08 6.31 0.99
CA THR A 137 21.72 5.06 0.30
C THR A 137 20.53 4.30 0.95
N ALA A 138 20.48 4.25 2.29
CA ALA A 138 19.24 3.78 3.02
C ALA A 138 17.93 4.48 2.57
N PHE A 139 17.94 5.80 2.50
CA PHE A 139 16.79 6.59 2.00
C PHE A 139 16.57 6.35 0.53
N ALA A 140 17.63 6.25 -0.28
CA ALA A 140 17.44 5.84 -1.67
C ALA A 140 16.76 4.43 -1.75
N PHE A 141 17.19 3.47 -0.90
CA PHE A 141 16.58 2.14 -0.87
C PHE A 141 15.07 2.17 -0.61
N ALA A 142 14.68 2.95 0.40
CA ALA A 142 13.26 3.11 0.75
C ALA A 142 12.43 3.70 -0.36
N GLU A 143 12.97 4.69 -1.07
CA GLU A 143 12.25 5.28 -2.22
C GLU A 143 12.09 4.29 -3.33
N TYR A 144 13.14 3.47 -3.53
CA TYR A 144 13.08 2.39 -4.52
C TYR A 144 11.96 1.37 -4.12
N ALA A 145 11.94 1.00 -2.86
CA ALA A 145 10.99 0.02 -2.35
C ALA A 145 9.58 0.49 -2.57
N GLU A 146 9.39 1.78 -2.27
CA GLU A 146 8.11 2.40 -2.50
C GLU A 146 7.63 2.31 -3.96
N ALA A 147 8.49 2.65 -4.92
CA ALA A 147 8.07 2.67 -6.31
C ALA A 147 7.72 1.23 -6.73
N VAL A 148 8.42 0.24 -6.19
CA VAL A 148 8.10 -1.16 -6.53
C VAL A 148 6.74 -1.60 -5.95
N ALA A 149 6.48 -1.35 -4.69
CA ALA A 149 5.20 -1.76 -4.11
C ALA A 149 4.01 -1.03 -4.76
N ARG A 150 4.24 0.23 -5.09
CA ARG A 150 3.21 1.04 -5.75
C ARG A 150 2.79 0.40 -7.06
N ALA A 151 3.73 -0.24 -7.75
CA ALA A 151 3.42 -0.92 -9.03
C ALA A 151 2.98 -2.39 -8.87
N LEU A 152 3.45 -3.05 -7.83
CA LEU A 152 3.35 -4.47 -7.78
C LEU A 152 2.54 -5.08 -6.65
N ALA A 153 2.31 -4.33 -5.56
CA ALA A 153 1.73 -4.91 -4.32
C ALA A 153 0.27 -5.36 -4.43
N ASP A 154 -0.38 -4.94 -5.51
CA ASP A 154 -1.75 -5.44 -5.77
C ASP A 154 -1.69 -6.92 -6.03
N ARG A 155 -0.56 -7.45 -6.54
CA ARG A 155 -0.50 -8.85 -6.97
C ARG A 155 0.59 -9.69 -6.28
N VAL A 156 1.61 -9.02 -5.74
CA VAL A 156 2.67 -9.69 -5.05
C VAL A 156 2.36 -9.63 -3.54
N PRO A 157 2.09 -10.78 -2.91
CA PRO A 157 1.73 -10.75 -1.47
C PRO A 157 2.96 -10.58 -0.58
N PHE A 158 4.11 -11.08 -1.02
CA PHE A 158 5.33 -11.14 -0.17
C PHE A 158 6.47 -10.28 -0.68
N PHE A 159 6.96 -9.34 0.14
CA PHE A 159 8.14 -8.59 -0.16
C PHE A 159 9.16 -8.76 0.96
N ALA A 160 10.39 -9.09 0.54
CA ALA A 160 11.52 -9.08 1.47
C ALA A 160 12.36 -7.89 1.07
N THR A 161 12.81 -7.13 2.06
CA THR A 161 13.64 -5.97 1.80
C THR A 161 15.03 -6.41 1.24
N LEU A 162 15.78 -7.17 2.02
CA LEU A 162 17.14 -7.54 1.67
C LEU A 162 17.36 -9.07 1.68
N ASN A 163 18.31 -9.46 0.88
CA ASN A 163 18.77 -10.83 0.84
C ASN A 163 20.19 -10.87 1.41
N GLU A 164 20.36 -11.63 2.49
CA GLU A 164 21.69 -11.82 3.11
C GLU A 164 22.56 -10.56 3.25
N PRO A 165 22.15 -9.63 4.13
CA PRO A 165 22.93 -8.43 4.27
C PRO A 165 24.29 -8.73 4.93
N TRP A 166 24.43 -9.83 5.66
CA TRP A 166 25.75 -10.24 6.06
C TRP A 166 26.77 -10.36 4.86
N CYS A 167 26.33 -10.95 3.74
CA CYS A 167 27.24 -11.05 2.62
C CYS A 167 27.56 -9.64 2.12
N SER A 168 26.52 -8.82 1.95
CA SER A 168 26.70 -7.48 1.41
C SER A 168 27.65 -6.67 2.31
N ALA A 169 27.47 -6.75 3.60
CA ALA A 169 28.35 -5.97 4.53
C ALA A 169 29.71 -6.55 4.54
N PHE A 170 29.85 -7.77 5.00
CA PHE A 170 31.19 -8.30 5.26
C PHE A 170 31.91 -8.87 4.05
N LEU A 171 31.20 -9.57 3.15
CA LEU A 171 31.96 -10.08 1.99
C LEU A 171 32.17 -8.91 0.99
N GLY A 172 31.23 -7.98 1.00
CA GLY A 172 31.31 -6.82 0.17
C GLY A 172 32.29 -5.75 0.65
N HIS A 173 32.61 -5.66 1.95
CA HIS A 173 33.33 -4.48 2.40
C HIS A 173 34.49 -4.76 3.29
N TRP A 174 34.64 -6.01 3.72
CA TRP A 174 35.69 -6.43 4.62
C TRP A 174 36.59 -7.50 3.99
N THR A 175 36.05 -8.64 3.52
CA THR A 175 36.96 -9.63 2.84
C THR A 175 37.24 -9.25 1.37
N GLY A 176 36.39 -8.38 0.84
CA GLY A 176 36.49 -7.84 -0.54
C GLY A 176 36.21 -8.90 -1.59
N GLU A 177 35.64 -10.03 -1.19
CA GLU A 177 35.28 -11.13 -2.10
C GLU A 177 34.07 -10.83 -3.00
N HIS A 178 33.22 -9.88 -2.57
CA HIS A 178 31.97 -9.55 -3.25
C HIS A 178 31.98 -8.07 -3.57
N ALA A 179 31.19 -7.64 -4.54
CA ALA A 179 31.12 -6.24 -4.91
C ALA A 179 30.52 -5.40 -3.79
N PRO A 180 30.97 -4.15 -3.68
CA PRO A 180 31.99 -3.62 -4.59
C PRO A 180 33.29 -4.43 -4.52
N GLY A 181 33.96 -4.39 -3.38
CA GLY A 181 35.20 -5.11 -3.19
C GLY A 181 36.13 -4.44 -2.20
N LEU A 182 35.56 -3.87 -1.15
CA LEU A 182 36.34 -3.20 -0.12
C LEU A 182 36.90 -4.16 0.95
N ARG A 183 37.98 -3.70 1.56
CA ARG A 183 38.63 -4.38 2.63
C ARG A 183 38.86 -3.48 3.81
N ASN A 184 37.80 -3.17 4.56
CA ASN A 184 37.96 -2.22 5.65
C ASN A 184 36.81 -2.49 6.60
N LEU A 185 37.13 -2.85 7.85
CA LEU A 185 36.11 -3.29 8.76
C LEU A 185 35.10 -2.18 9.05
N GLU A 186 35.57 -0.92 9.08
CA GLU A 186 34.71 0.20 9.39
C GLU A 186 33.71 0.46 8.24
N ALA A 187 34.17 0.42 7.00
CA ALA A 187 33.27 0.41 5.84
C ALA A 187 32.21 -0.75 5.96
N ALA A 188 32.61 -1.89 6.44
CA ALA A 188 31.70 -3.03 6.59
C ALA A 188 30.60 -2.78 7.64
N LEU A 189 31.00 -2.21 8.80
CA LEU A 189 30.07 -1.90 9.87
C LEU A 189 29.17 -0.71 9.53
N ARG A 190 29.68 0.26 8.74
CA ARG A 190 28.85 1.32 8.24
C ARG A 190 27.76 0.73 7.30
N ALA A 191 28.21 -0.17 6.43
CA ALA A 191 27.33 -0.87 5.48
C ALA A 191 26.30 -1.73 6.22
N ALA A 192 26.71 -2.43 7.30
CA ALA A 192 25.77 -3.29 8.05
C ALA A 192 24.70 -2.41 8.64
N HIS A 193 25.13 -1.29 9.19
CA HIS A 193 24.15 -0.43 9.80
C HIS A 193 23.24 0.22 8.79
N HIS A 194 23.76 0.67 7.62
CA HIS A 194 22.84 1.26 6.60
C HIS A 194 21.94 0.29 5.87
N LEU A 195 22.41 -0.93 5.71
CA LEU A 195 21.54 -1.98 5.18
C LEU A 195 20.34 -2.15 6.14
N LEU A 196 20.62 -2.23 7.47
CA LEU A 196 19.55 -2.39 8.46
C LEU A 196 18.61 -1.14 8.46
N LEU A 197 19.21 0.05 8.41
CA LEU A 197 18.44 1.29 8.41
C LEU A 197 17.56 1.30 7.18
N GLY A 198 18.13 0.94 6.01
CA GLY A 198 17.33 0.86 4.77
C GLY A 198 16.21 -0.16 4.92
N HIS A 199 16.50 -1.30 5.57
CA HIS A 199 15.44 -2.28 5.83
C HIS A 199 14.22 -1.67 6.54
N GLY A 200 14.50 -1.00 7.68
CA GLY A 200 13.43 -0.35 8.48
C GLY A 200 12.68 0.75 7.71
N LEU A 201 13.41 1.62 7.00
CA LEU A 201 12.77 2.65 6.25
C LEU A 201 11.91 2.02 5.14
N ALA A 202 12.43 0.94 4.50
CA ALA A 202 11.70 0.24 3.42
C ALA A 202 10.42 -0.36 3.93
N VAL A 203 10.45 -0.90 5.16
CA VAL A 203 9.26 -1.50 5.76
C VAL A 203 8.15 -0.47 5.80
N GLU A 204 8.45 0.70 6.33
CA GLU A 204 7.44 1.77 6.41
C GLU A 204 6.94 2.12 5.01
N ALA A 205 7.83 2.27 4.01
CA ALA A 205 7.39 2.64 2.64
C ALA A 205 6.52 1.56 2.04
N LEU A 206 6.91 0.31 2.23
CA LEU A 206 6.18 -0.85 1.73
C LEU A 206 4.76 -0.90 2.27
N ARG A 207 4.60 -0.80 3.57
CA ARG A 207 3.31 -0.86 4.16
C ARG A 207 2.46 0.31 3.71
N ALA A 208 3.08 1.51 3.63
CA ALA A 208 2.33 2.71 3.26
C ALA A 208 1.84 2.58 1.82
N ALA A 209 2.57 1.79 1.03
CA ALA A 209 2.17 1.54 -0.33
C ALA A 209 1.35 0.26 -0.50
N GLY A 210 0.93 -0.39 0.59
CA GLY A 210 0.06 -1.52 0.46
C GLY A 210 0.64 -2.94 0.44
N ALA A 211 1.94 -3.12 0.65
CA ALA A 211 2.49 -4.47 0.73
C ALA A 211 1.81 -5.26 1.86
N ARG A 212 1.38 -6.48 1.58
CA ARG A 212 0.66 -7.25 2.59
C ARG A 212 1.52 -8.03 3.58
N ARG A 213 2.64 -8.60 3.11
CA ARG A 213 3.56 -9.34 3.97
C ARG A 213 4.96 -8.81 3.71
N VAL A 214 5.66 -8.37 4.78
CA VAL A 214 6.95 -7.79 4.63
C VAL A 214 7.91 -8.49 5.56
N GLY A 215 9.05 -8.90 5.02
CA GLY A 215 10.06 -9.44 5.89
C GLY A 215 11.45 -9.17 5.38
N ILE A 216 12.36 -10.06 5.77
CA ILE A 216 13.71 -9.99 5.35
C ILE A 216 14.24 -11.43 5.24
N VAL A 217 15.33 -11.60 4.48
CA VAL A 217 15.92 -12.92 4.24
C VAL A 217 17.35 -12.88 4.78
N LEU A 218 17.66 -13.75 5.76
CA LEU A 218 19.00 -13.77 6.34
C LEU A 218 19.74 -15.11 6.14
N ASN A 219 21.08 -15.04 6.13
CA ASN A 219 21.86 -16.24 5.92
C ASN A 219 22.23 -16.81 7.29
N PHE A 220 21.94 -18.08 7.57
CA PHE A 220 22.44 -18.71 8.81
C PHE A 220 23.48 -19.81 8.57
N ALA A 221 24.58 -19.75 9.29
CA ALA A 221 25.63 -20.75 9.17
C ALA A 221 25.91 -21.20 10.58
N PRO A 222 25.13 -22.15 11.12
CA PRO A 222 25.28 -22.52 12.53
C PRO A 222 26.70 -23.07 12.80
N ALA A 223 27.26 -22.66 13.92
CA ALA A 223 28.62 -22.90 14.27
C ALA A 223 28.72 -24.09 15.28
N TYR A 224 29.70 -24.96 15.10
CA TYR A 224 29.94 -26.13 15.99
C TYR A 224 31.40 -26.19 16.25
N GLY A 225 31.75 -26.71 17.43
CA GLY A 225 33.10 -27.02 17.81
C GLY A 225 33.28 -27.36 19.30
N GLU A 226 34.49 -27.76 19.66
CA GLU A 226 34.82 -28.25 21.01
C GLU A 226 34.93 -27.11 22.05
N ASP A 227 35.09 -25.86 21.59
CA ASP A 227 35.25 -24.72 22.48
C ASP A 227 34.05 -23.76 22.37
N PRO A 228 33.21 -23.68 23.45
CA PRO A 228 31.91 -22.93 23.38
C PRO A 228 32.09 -21.45 23.10
N GLU A 229 33.15 -20.89 23.62
CA GLU A 229 33.48 -19.52 23.39
C GLU A 229 33.71 -19.16 21.89
N ALA A 230 34.40 -20.01 21.14
CA ALA A 230 34.69 -19.71 19.75
C ALA A 230 33.40 -19.93 18.93
N VAL A 231 32.58 -20.90 19.33
CA VAL A 231 31.28 -21.12 18.77
C VAL A 231 30.44 -19.85 18.90
N ASP A 232 30.45 -19.27 20.10
CA ASP A 232 29.63 -18.10 20.37
C ASP A 232 30.13 -16.90 19.58
N VAL A 233 31.45 -16.71 19.45
CA VAL A 233 31.94 -15.64 18.58
C VAL A 233 31.47 -15.81 17.14
N ALA A 234 31.58 -17.02 16.59
CA ALA A 234 31.11 -17.29 15.21
C ALA A 234 29.61 -17.03 15.05
N ASP A 235 28.82 -17.46 16.03
CA ASP A 235 27.38 -17.31 15.99
C ASP A 235 27.01 -15.85 16.07
N ARG A 236 27.74 -15.04 16.85
CA ARG A 236 27.41 -13.61 16.95
C ARG A 236 27.67 -12.87 15.63
N TYR A 237 28.81 -13.20 15.03
CA TYR A 237 29.23 -12.58 13.79
C TYR A 237 28.30 -13.02 12.64
N HIS A 238 28.02 -14.31 12.49
CA HIS A 238 27.23 -14.70 11.30
C HIS A 238 25.75 -14.82 11.53
N ASN A 239 25.33 -15.19 12.73
CA ASN A 239 23.94 -15.56 12.91
C ASN A 239 23.07 -14.59 13.70
N ARG A 240 23.69 -13.69 14.45
CA ARG A 240 22.93 -12.72 15.22
C ARG A 240 23.12 -11.25 14.83
N PHE A 241 24.07 -10.93 13.97
CA PHE A 241 24.48 -9.55 13.80
C PHE A 241 23.38 -8.77 13.14
N PHE A 242 22.63 -9.40 12.25
CA PHE A 242 21.43 -8.74 11.66
C PHE A 242 20.12 -9.17 12.34
N LEU A 243 20.04 -10.42 12.80
CA LEU A 243 18.81 -10.89 13.38
C LEU A 243 18.48 -10.13 14.69
N ASP A 244 19.46 -10.01 15.58
CA ASP A 244 19.19 -9.41 16.86
C ASP A 244 18.65 -7.98 16.73
N PRO A 245 19.28 -7.15 15.85
CA PRO A 245 18.66 -5.82 15.64
C PRO A 245 17.22 -5.88 15.13
N ILE A 246 17.00 -6.69 14.10
CA ILE A 246 15.66 -6.91 13.54
C ILE A 246 14.72 -7.29 14.71
N LEU A 247 15.15 -8.16 15.64
CA LEU A 247 14.28 -8.61 16.77
C LEU A 247 14.08 -7.53 17.86
N GLY A 248 14.80 -6.43 17.75
CA GLY A 248 14.68 -5.36 18.69
C GLY A 248 15.54 -5.61 19.92
N LYS A 249 16.58 -6.46 19.82
CA LYS A 249 17.56 -6.70 20.95
C LYS A 249 18.85 -5.95 20.81
N GLY A 250 18.88 -4.99 19.89
CA GLY A 250 20.10 -4.31 19.57
C GLY A 250 21.12 -5.23 18.92
N TYR A 251 22.30 -4.72 18.62
CA TYR A 251 23.34 -5.55 18.10
C TYR A 251 23.84 -6.47 19.18
N PRO A 252 24.28 -7.68 18.82
CA PRO A 252 24.86 -8.57 19.81
C PRO A 252 26.22 -7.99 20.33
N GLU A 253 26.66 -8.42 21.50
CA GLU A 253 28.02 -8.09 21.97
C GLU A 253 29.00 -8.32 20.79
N SER A 254 29.90 -7.38 20.55
CA SER A 254 30.73 -7.43 19.32
C SER A 254 31.58 -8.71 19.26
N PRO A 255 31.61 -9.40 18.11
CA PRO A 255 32.54 -10.50 17.93
C PRO A 255 33.93 -10.02 17.57
N PHE A 256 34.11 -8.73 17.34
CA PHE A 256 35.42 -8.22 16.94
C PHE A 256 36.20 -7.66 18.15
N ARG A 257 37.52 -7.92 18.20
CA ARG A 257 38.47 -7.22 19.06
C ARG A 257 38.63 -5.77 18.53
N ASP A 258 38.63 -4.80 19.41
CA ASP A 258 38.72 -3.41 18.96
C ASP A 258 37.90 -2.98 17.74
N PRO A 259 36.58 -3.15 17.78
CA PRO A 259 35.84 -2.61 16.62
C PRO A 259 35.85 -1.08 16.52
N PRO A 260 35.83 -0.53 15.28
CA PRO A 260 35.52 0.89 15.02
C PRO A 260 34.03 1.23 15.31
N PRO A 261 33.66 2.54 15.34
CA PRO A 261 32.30 2.87 15.69
C PRO A 261 31.27 2.56 14.56
N VAL A 262 30.05 2.22 14.95
CA VAL A 262 28.91 2.08 13.99
C VAL A 262 28.13 3.41 14.04
N PRO A 263 27.85 4.02 12.85
CA PRO A 263 27.17 5.32 12.81
C PRO A 263 25.66 5.14 13.11
N ILE A 264 25.37 4.52 14.27
CA ILE A 264 24.04 4.46 14.91
C ILE A 264 23.60 5.86 15.31
N LEU A 265 22.60 6.40 14.63
CA LEU A 265 22.05 7.68 15.06
C LEU A 265 20.85 7.45 15.96
N SER A 266 20.41 8.52 16.62
CA SER A 266 19.37 8.44 17.58
C SER A 266 18.05 8.02 16.89
N ARG A 267 17.34 7.07 17.51
CA ARG A 267 16.15 6.45 16.90
C ARG A 267 16.41 5.34 15.84
N ASP A 268 17.66 5.10 15.39
CA ASP A 268 17.93 4.15 14.27
C ASP A 268 17.47 2.74 14.64
N LEU A 269 17.82 2.32 15.86
CA LEU A 269 17.44 1.00 16.34
C LEU A 269 15.93 0.75 16.43
N GLU A 270 15.14 1.76 16.82
CA GLU A 270 13.70 1.70 16.78
C GLU A 270 13.11 1.55 15.36
N LEU A 271 13.68 2.28 14.40
CA LEU A 271 13.44 2.08 12.97
C LEU A 271 13.79 0.68 12.44
N VAL A 272 14.93 0.17 12.84
CA VAL A 272 15.37 -1.16 12.39
C VAL A 272 14.43 -2.29 12.93
N ALA A 273 13.79 -2.10 14.09
CA ALA A 273 13.05 -3.22 14.77
C ALA A 273 11.54 -3.09 14.52
N ARG A 274 11.21 -2.82 13.28
CA ARG A 274 9.90 -2.69 12.78
C ARG A 274 9.21 -4.09 12.79
N PRO A 275 7.94 -4.19 13.25
CA PRO A 275 7.21 -5.44 13.05
C PRO A 275 7.21 -5.97 11.59
N LEU A 276 7.49 -7.25 11.44
CA LEU A 276 7.51 -7.95 10.15
C LEU A 276 6.42 -9.03 10.07
N ASP A 277 6.23 -9.61 8.89
CA ASP A 277 5.27 -10.69 8.73
C ASP A 277 5.92 -12.04 8.58
N PHE A 278 7.23 -12.05 8.32
CA PHE A 278 7.93 -13.34 8.20
C PHE A 278 9.43 -13.10 8.31
N LEU A 279 10.16 -14.19 8.57
CA LEU A 279 11.59 -14.22 8.36
C LEU A 279 11.94 -15.31 7.33
N GLY A 280 12.69 -14.94 6.28
CA GLY A 280 13.24 -15.87 5.37
C GLY A 280 14.58 -16.42 5.92
N VAL A 281 14.65 -17.75 6.01
CA VAL A 281 15.85 -18.47 6.42
C VAL A 281 16.61 -19.03 5.19
N ASN A 282 17.83 -18.54 4.91
CA ASN A 282 18.71 -19.16 3.91
C ASN A 282 19.66 -20.06 4.67
N TYR A 283 19.66 -21.35 4.32
CA TYR A 283 20.61 -22.28 4.88
C TYR A 283 21.30 -23.19 3.83
N TYR A 284 22.60 -23.42 3.97
CA TYR A 284 23.31 -24.40 3.10
C TYR A 284 24.17 -25.35 3.90
N ALA A 285 24.81 -24.85 4.97
CA ALA A 285 25.83 -25.62 5.70
C ALA A 285 26.08 -24.95 7.04
N PRO A 286 26.48 -25.75 8.03
CA PRO A 286 27.06 -25.31 9.28
C PRO A 286 28.55 -24.93 9.06
N VAL A 287 29.23 -24.43 10.11
CA VAL A 287 30.66 -24.17 10.07
C VAL A 287 31.22 -24.72 11.37
N ARG A 288 32.37 -25.37 11.25
CA ARG A 288 33.10 -25.92 12.39
C ARG A 288 34.18 -24.92 12.74
N VAL A 289 34.28 -24.58 14.02
CA VAL A 289 35.20 -23.50 14.42
C VAL A 289 36.13 -23.92 15.54
N ALA A 290 37.24 -23.20 15.65
CA ALA A 290 38.14 -23.37 16.78
C ALA A 290 38.53 -22.00 17.26
N PRO A 291 39.16 -21.90 18.46
CA PRO A 291 39.67 -20.60 18.88
C PRO A 291 40.75 -20.13 17.92
N GLY A 292 40.69 -18.87 17.49
CA GLY A 292 41.65 -18.24 16.60
C GLY A 292 42.10 -16.93 17.21
N THR A 293 42.81 -16.10 16.47
CA THR A 293 43.53 -15.02 17.14
C THR A 293 43.15 -13.57 16.91
N GLY A 294 42.97 -13.12 15.67
CA GLY A 294 43.04 -11.66 15.48
C GLY A 294 41.73 -10.87 15.70
N THR A 295 41.49 -9.91 14.81
CA THR A 295 40.27 -9.08 14.82
C THR A 295 39.03 -9.93 14.99
N LEU A 296 38.93 -11.00 14.23
CA LEU A 296 37.91 -11.97 14.53
C LEU A 296 38.59 -13.24 15.03
N PRO A 297 38.52 -13.48 16.33
CA PRO A 297 39.30 -14.51 17.05
C PRO A 297 38.75 -15.94 16.88
N VAL A 298 38.40 -16.27 15.65
CA VAL A 298 38.02 -17.66 15.33
C VAL A 298 38.73 -18.26 14.12
N ARG A 299 39.03 -19.55 14.20
CA ARG A 299 39.54 -20.28 13.05
C ARG A 299 38.50 -21.23 12.50
N TYR A 300 38.30 -21.17 11.20
CA TYR A 300 37.38 -22.03 10.48
C TYR A 300 38.05 -23.33 10.06
N LEU A 301 37.46 -24.43 10.48
CA LEU A 301 37.98 -25.76 10.23
C LEU A 301 37.39 -26.44 8.96
N PRO A 302 38.08 -27.46 8.43
CA PRO A 302 37.63 -28.35 7.34
C PRO A 302 36.30 -29.05 7.61
N PRO A 303 35.46 -29.19 6.56
CA PRO A 303 34.27 -30.08 6.56
C PRO A 303 34.59 -31.50 7.13
N GLU A 304 33.77 -31.92 8.12
CA GLU A 304 33.76 -33.27 8.69
C GLU A 304 32.86 -34.10 7.76
N GLY A 305 33.47 -35.01 7.01
CA GLY A 305 32.71 -35.84 6.06
C GLY A 305 32.22 -35.12 4.80
N PRO A 306 31.15 -35.67 4.18
CA PRO A 306 30.68 -35.31 2.82
C PRO A 306 30.41 -33.80 2.66
N ALA A 307 30.95 -33.26 1.57
CA ALA A 307 30.85 -31.81 1.24
C ALA A 307 30.53 -31.62 -0.23
N THR A 308 29.80 -30.55 -0.50
CA THR A 308 29.52 -30.16 -1.87
C THR A 308 30.76 -29.67 -2.64
N ALA A 309 30.58 -29.32 -3.90
CA ALA A 309 31.62 -28.70 -4.74
C ALA A 309 32.11 -27.39 -4.12
N MET A 310 31.26 -26.71 -3.33
CA MET A 310 31.67 -25.49 -2.62
C MET A 310 32.60 -25.79 -1.45
N GLY A 311 32.84 -27.07 -1.18
CA GLY A 311 33.52 -27.43 0.07
C GLY A 311 32.66 -27.17 1.31
N TRP A 312 31.33 -27.19 1.18
CA TRP A 312 30.43 -26.95 2.32
C TRP A 312 29.92 -28.27 2.81
N GLU A 313 29.99 -28.48 4.10
CA GLU A 313 29.59 -29.73 4.71
C GLU A 313 28.11 -29.98 4.55
N VAL A 314 27.76 -31.20 4.13
CA VAL A 314 26.37 -31.65 4.04
C VAL A 314 25.89 -32.12 5.43
N TYR A 315 25.01 -31.35 6.06
CA TYR A 315 24.56 -31.63 7.39
C TYR A 315 23.08 -31.29 7.57
N PRO A 316 22.21 -32.14 7.02
CA PRO A 316 20.75 -31.88 7.10
C PRO A 316 20.16 -31.63 8.50
N GLU A 317 20.71 -32.31 9.53
CA GLU A 317 20.27 -32.12 10.90
C GLU A 317 20.43 -30.64 11.34
N GLY A 318 21.46 -29.98 10.80
CA GLY A 318 21.67 -28.57 11.01
C GLY A 318 20.51 -27.69 10.65
N LEU A 319 19.80 -28.00 9.56
CA LEU A 319 18.59 -27.27 9.27
C LEU A 319 17.47 -27.50 10.31
N HIS A 320 17.39 -28.72 10.82
CA HIS A 320 16.33 -28.99 11.73
C HIS A 320 16.58 -28.27 13.03
N HIS A 321 17.80 -28.37 13.54
CA HIS A 321 18.18 -27.70 14.75
C HIS A 321 18.02 -26.20 14.63
N LEU A 322 18.41 -25.65 13.48
CA LEU A 322 18.35 -24.23 13.24
C LEU A 322 16.88 -23.76 13.34
N LEU A 323 15.98 -24.51 12.71
CA LEU A 323 14.58 -24.16 12.66
C LEU A 323 13.94 -24.27 14.07
N LYS A 324 14.29 -25.29 14.83
CA LYS A 324 13.84 -25.36 16.20
C LYS A 324 14.27 -24.12 17.03
N ARG A 325 15.56 -23.77 16.99
CA ARG A 325 16.09 -22.62 17.69
C ARG A 325 15.37 -21.34 17.26
N LEU A 326 15.20 -21.14 15.97
CA LEU A 326 14.60 -19.92 15.45
C LEU A 326 13.11 -19.87 15.80
N GLY A 327 12.46 -21.04 15.73
CA GLY A 327 11.09 -21.25 16.13
C GLY A 327 10.74 -20.76 17.53
N ARG A 328 11.70 -20.85 18.44
CA ARG A 328 11.59 -20.31 19.79
C ARG A 328 11.89 -18.81 19.92
N GLU A 329 12.59 -18.24 18.98
CA GLU A 329 13.13 -16.90 19.17
C GLU A 329 12.43 -15.89 18.23
N VAL A 330 11.88 -16.35 17.12
CA VAL A 330 11.35 -15.44 16.12
C VAL A 330 9.83 -15.50 16.21
N PRO A 331 9.19 -14.33 16.36
CA PRO A 331 7.76 -14.27 16.73
C PRO A 331 6.92 -14.15 15.44
N TRP A 332 7.51 -14.52 14.31
CA TRP A 332 6.87 -14.56 13.01
C TRP A 332 7.09 -15.90 12.35
N PRO A 333 6.22 -16.27 11.36
CA PRO A 333 6.46 -17.51 10.63
C PRO A 333 7.79 -17.52 9.81
N LEU A 334 8.38 -18.73 9.66
CA LEU A 334 9.67 -18.92 8.95
C LEU A 334 9.37 -19.41 7.55
N TYR A 335 10.19 -18.98 6.58
CA TYR A 335 10.18 -19.62 5.26
C TYR A 335 11.62 -19.95 4.97
N VAL A 336 11.88 -21.18 4.55
CA VAL A 336 13.27 -21.47 4.12
C VAL A 336 13.36 -20.91 2.71
N THR A 337 13.99 -19.75 2.56
CA THR A 337 13.93 -19.05 1.31
C THR A 337 15.08 -19.44 0.35
N GLU A 338 16.09 -20.14 0.85
CA GLU A 338 17.10 -20.80 0.01
C GLU A 338 17.62 -22.06 0.70
N ASN A 339 17.70 -23.12 -0.09
CA ASN A 339 18.40 -24.34 0.27
C ASN A 339 18.76 -25.12 -1.01
N GLY A 340 19.98 -25.65 -1.11
CA GLY A 340 20.40 -26.27 -2.37
C GLY A 340 21.90 -26.57 -2.30
N ALA A 341 22.47 -27.04 -3.40
CA ALA A 341 23.83 -27.63 -3.43
C ALA A 341 24.40 -27.53 -4.80
N ALA A 342 25.68 -27.18 -4.82
CA ALA A 342 26.53 -27.24 -6.02
C ALA A 342 27.32 -28.56 -6.13
N TYR A 343 27.10 -29.30 -7.20
CA TYR A 343 27.87 -30.48 -7.53
C TYR A 343 28.29 -30.37 -9.00
N PRO A 344 29.38 -31.07 -9.40
CA PRO A 344 29.83 -30.81 -10.78
C PRO A 344 28.98 -31.64 -11.81
N ASP A 345 27.89 -31.07 -12.29
CA ASP A 345 27.00 -31.76 -13.23
C ASP A 345 27.66 -31.82 -14.59
N LEU A 346 27.60 -32.96 -15.26
CA LEU A 346 27.99 -32.95 -16.67
C LEU A 346 26.93 -33.45 -17.59
N TRP A 347 26.81 -32.81 -18.74
CA TRP A 347 25.81 -33.18 -19.71
C TRP A 347 26.51 -33.50 -21.01
N THR A 348 26.08 -34.57 -21.67
CA THR A 348 26.69 -34.97 -22.95
C THR A 348 25.64 -35.45 -23.94
N GLY A 349 24.46 -34.86 -23.90
CA GLY A 349 23.45 -35.16 -24.90
C GLY A 349 22.15 -35.77 -24.41
N GLU A 350 22.20 -36.41 -23.25
CA GLU A 350 21.03 -37.14 -22.72
C GLU A 350 19.85 -36.22 -22.38
N ALA A 351 18.67 -36.81 -22.20
CA ALA A 351 17.50 -36.04 -21.87
C ALA A 351 17.42 -35.60 -20.40
N VAL A 352 18.28 -36.16 -19.55
CA VAL A 352 18.28 -35.84 -18.13
C VAL A 352 19.70 -35.84 -17.60
N VAL A 353 19.98 -34.96 -16.64
CA VAL A 353 21.32 -34.86 -16.11
C VAL A 353 21.36 -35.60 -14.74
N GLU A 354 22.25 -36.58 -14.60
CA GLU A 354 22.22 -37.44 -13.41
C GLU A 354 22.85 -36.61 -12.31
N ASP A 355 22.07 -36.26 -11.26
CA ASP A 355 22.66 -35.61 -10.10
C ASP A 355 22.21 -36.30 -8.77
N PRO A 356 22.59 -37.57 -8.57
CA PRO A 356 22.20 -38.30 -7.34
C PRO A 356 22.65 -37.63 -6.01
N GLU A 357 23.74 -36.88 -6.01
CA GLU A 357 24.14 -36.17 -4.77
C GLU A 357 23.26 -35.00 -4.40
N ARG A 358 22.81 -34.27 -5.40
CA ARG A 358 21.81 -33.20 -5.23
C ARG A 358 20.47 -33.77 -4.79
N VAL A 359 20.04 -34.87 -5.40
CA VAL A 359 18.84 -35.56 -4.97
C VAL A 359 19.04 -35.91 -3.44
N ALA A 360 20.13 -36.55 -3.09
CA ALA A 360 20.35 -36.95 -1.68
C ALA A 360 20.30 -35.67 -0.81
N TYR A 361 20.98 -34.60 -1.24
CA TYR A 361 21.08 -33.41 -0.42
C TYR A 361 19.66 -32.88 -0.18
N LEU A 362 18.88 -32.66 -1.24
CA LEU A 362 17.56 -32.01 -1.13
C LEU A 362 16.54 -32.86 -0.30
N GLU A 363 16.51 -34.16 -0.54
CA GLU A 363 15.61 -35.06 0.16
C GLU A 363 15.86 -35.02 1.71
N ALA A 364 17.13 -35.03 2.10
CA ALA A 364 17.47 -35.04 3.51
C ALA A 364 17.12 -33.64 4.16
N HIS A 365 17.35 -32.56 3.42
CA HIS A 365 17.04 -31.24 3.95
C HIS A 365 15.53 -30.98 4.02
N VAL A 366 14.78 -31.40 2.99
CA VAL A 366 13.35 -31.38 3.05
C VAL A 366 12.83 -32.15 4.30
N GLU A 367 13.31 -33.38 4.51
CA GLU A 367 12.87 -34.18 5.65
C GLU A 367 13.16 -33.41 6.96
N ALA A 368 14.35 -32.82 7.08
CA ALA A 368 14.68 -31.95 8.23
C ALA A 368 13.74 -30.78 8.42
N ALA A 369 13.49 -30.00 7.41
CA ALA A 369 12.57 -28.85 7.56
C ALA A 369 11.15 -29.31 7.92
N LEU A 370 10.63 -30.32 7.24
CA LEU A 370 9.31 -30.83 7.57
C LEU A 370 9.24 -31.38 8.96
N ARG A 371 10.35 -31.94 9.41
CA ARG A 371 10.38 -32.44 10.79
C ARG A 371 10.24 -31.26 11.82
N ALA A 372 10.92 -30.15 11.56
CA ALA A 372 10.84 -29.01 12.44
C ALA A 372 9.36 -28.50 12.46
N ARG A 373 8.74 -28.43 11.30
CA ARG A 373 7.36 -28.06 11.23
C ARG A 373 6.42 -29.01 12.01
N GLU A 374 6.64 -30.33 11.85
CA GLU A 374 5.88 -31.35 12.58
C GLU A 374 6.20 -31.40 14.07
N GLU A 375 7.17 -30.62 14.50
CA GLU A 375 7.42 -30.41 15.91
C GLU A 375 6.96 -29.00 16.34
N GLY A 376 6.14 -28.36 15.52
CA GLY A 376 5.53 -27.13 15.95
C GLY A 376 6.26 -25.84 15.58
N VAL A 377 7.27 -25.88 14.69
CA VAL A 377 7.80 -24.62 14.17
C VAL A 377 6.79 -24.10 13.14
N ASP A 378 6.46 -22.82 13.21
CA ASP A 378 5.58 -22.20 12.22
C ASP A 378 6.37 -21.98 10.90
N LEU A 379 6.64 -23.08 10.18
CA LEU A 379 7.36 -23.06 8.92
C LEU A 379 6.29 -23.17 7.79
N ARG A 380 6.28 -22.22 6.85
CA ARG A 380 5.16 -22.07 5.89
C ARG A 380 5.59 -22.18 4.43
N GLY A 381 6.85 -22.52 4.18
CA GLY A 381 7.36 -22.65 2.80
C GLY A 381 8.83 -23.11 2.76
N TYR A 382 9.19 -23.67 1.60
CA TYR A 382 10.57 -24.21 1.40
C TYR A 382 10.89 -23.95 -0.08
N PHE A 383 12.03 -23.31 -0.34
CA PHE A 383 12.44 -22.90 -1.71
C PHE A 383 13.82 -23.51 -2.04
N VAL A 384 13.94 -24.21 -3.15
CA VAL A 384 15.22 -24.71 -3.58
C VAL A 384 15.98 -23.61 -4.33
N TRP A 385 17.23 -23.33 -3.91
CA TRP A 385 18.17 -22.63 -4.73
C TRP A 385 18.84 -23.73 -5.60
N SER A 386 18.67 -23.69 -6.94
CA SER A 386 17.91 -22.68 -7.62
C SER A 386 17.06 -23.38 -8.75
N LEU A 387 16.24 -22.60 -9.43
CA LEU A 387 15.48 -23.18 -10.58
C LEU A 387 16.42 -23.78 -11.59
N MET A 388 17.46 -23.04 -11.95
CA MET A 388 18.39 -23.47 -12.98
C MET A 388 19.81 -22.97 -12.67
N ASP A 389 20.81 -23.61 -13.26
CA ASP A 389 22.23 -23.15 -13.20
C ASP A 389 22.35 -21.71 -13.65
N ASN A 390 23.13 -20.92 -12.91
CA ASN A 390 23.16 -19.48 -13.21
C ASN A 390 24.52 -18.86 -12.85
N PHE A 391 24.65 -17.54 -12.87
CA PHE A 391 25.92 -16.92 -12.54
C PHE A 391 26.13 -16.96 -11.01
N GLU A 392 27.10 -17.71 -10.54
CA GLU A 392 27.24 -17.87 -9.08
C GLU A 392 28.32 -16.94 -8.52
N TRP A 393 28.08 -15.64 -8.73
CA TRP A 393 28.91 -14.62 -8.10
C TRP A 393 30.41 -14.80 -8.38
N ALA A 394 31.28 -14.76 -7.35
CA ALA A 394 32.72 -14.94 -7.56
C ALA A 394 33.11 -16.27 -8.30
N PHE A 395 32.22 -17.24 -8.31
CA PHE A 395 32.43 -18.52 -8.99
C PHE A 395 32.00 -18.54 -10.49
N GLY A 396 31.36 -17.47 -10.93
CA GLY A 396 31.00 -17.33 -12.33
C GLY A 396 30.12 -18.51 -12.67
N TYR A 397 30.46 -19.18 -13.76
CA TYR A 397 29.59 -20.26 -14.16
C TYR A 397 30.09 -21.60 -13.71
N THR A 398 30.96 -21.67 -12.73
CA THR A 398 31.61 -22.95 -12.44
C THR A 398 30.93 -23.78 -11.34
N ARG A 399 29.91 -23.25 -10.70
CA ARG A 399 29.25 -24.01 -9.66
C ARG A 399 27.80 -24.10 -10.10
N ARG A 400 27.35 -25.29 -10.41
CA ARG A 400 25.98 -25.45 -10.86
C ARG A 400 25.09 -25.88 -9.68
N SER A 401 24.00 -25.09 -9.45
CA SER A 401 23.05 -25.32 -8.33
C SER A 401 21.61 -25.62 -8.74
N GLY A 402 21.38 -25.66 -10.05
CA GLY A 402 20.02 -25.71 -10.57
C GLY A 402 19.37 -27.08 -10.49
N LEU A 403 18.03 -27.07 -10.47
CA LEU A 403 17.20 -28.28 -10.68
C LEU A 403 17.21 -28.64 -12.20
N TYR A 404 17.30 -27.60 -13.02
CA TYR A 404 17.61 -27.71 -14.43
C TYR A 404 19.07 -27.33 -14.76
N TYR A 405 19.77 -28.21 -15.46
CA TYR A 405 21.03 -27.89 -16.13
C TYR A 405 20.81 -26.81 -17.24
N VAL A 406 21.70 -25.81 -17.29
CA VAL A 406 21.66 -24.85 -18.38
C VAL A 406 22.94 -25.00 -19.24
N ASP A 407 22.74 -25.32 -20.51
CA ASP A 407 23.84 -25.37 -21.43
C ASP A 407 23.97 -23.92 -21.92
N PHE A 408 24.92 -23.19 -21.36
CA PHE A 408 24.95 -21.73 -21.56
C PHE A 408 25.12 -21.25 -22.98
N PRO A 409 25.93 -21.98 -23.82
CA PRO A 409 26.01 -21.53 -25.23
C PRO A 409 24.69 -21.52 -26.00
N SER A 410 23.81 -22.50 -25.86
CA SER A 410 22.52 -22.44 -26.56
C SER A 410 21.36 -21.95 -25.68
N GLN A 411 21.60 -21.75 -24.37
CA GLN A 411 20.55 -21.49 -23.36
C GLN A 411 19.49 -22.65 -23.18
N ARG A 412 19.78 -23.83 -23.69
CA ARG A 412 18.86 -24.91 -23.50
C ARG A 412 18.84 -25.34 -22.01
N ARG A 413 17.63 -25.56 -21.50
CA ARG A 413 17.42 -26.03 -20.14
C ARG A 413 17.13 -27.52 -20.18
N ILE A 414 17.91 -28.29 -19.44
CA ILE A 414 17.74 -29.77 -19.40
C ILE A 414 17.50 -30.20 -17.96
N PRO A 415 16.38 -30.88 -17.70
CA PRO A 415 16.04 -31.24 -16.31
C PRO A 415 17.09 -32.19 -15.71
N LYS A 416 17.39 -32.04 -14.43
CA LYS A 416 18.26 -33.00 -13.77
C LYS A 416 17.41 -34.02 -13.03
N ARG A 417 18.02 -35.06 -12.47
CA ARG A 417 17.24 -35.98 -11.65
C ARG A 417 16.56 -35.25 -10.48
N SER A 418 17.20 -34.21 -9.97
CA SER A 418 16.63 -33.51 -8.85
C SER A 418 15.30 -32.81 -9.22
N ALA A 419 15.17 -32.26 -10.44
CA ALA A 419 13.87 -31.68 -10.88
C ALA A 419 12.77 -32.73 -10.79
N LEU A 420 13.04 -33.93 -11.26
CA LEU A 420 12.01 -35.00 -11.28
C LEU A 420 11.69 -35.45 -9.84
N TRP A 421 12.74 -35.52 -9.00
CA TRP A 421 12.59 -35.81 -7.58
C TRP A 421 11.68 -34.77 -6.91
N TYR A 422 11.91 -33.48 -7.12
CA TYR A 422 11.14 -32.43 -6.49
C TYR A 422 9.67 -32.38 -6.96
N ARG A 423 9.46 -32.53 -8.27
CA ARG A 423 8.10 -32.63 -8.77
C ARG A 423 7.27 -33.75 -8.04
N GLU A 424 7.85 -34.94 -7.94
CA GLU A 424 7.19 -36.04 -7.24
C GLU A 424 7.08 -35.75 -5.73
N ARG A 425 8.09 -35.09 -5.20
CA ARG A 425 8.07 -34.67 -3.80
C ARG A 425 6.86 -33.79 -3.50
N ILE A 426 6.71 -32.72 -4.27
CA ILE A 426 5.62 -31.79 -4.10
C ILE A 426 4.31 -32.56 -4.23
N ALA A 427 4.25 -33.51 -5.18
CA ALA A 427 2.97 -34.13 -5.46
C ALA A 427 2.53 -34.98 -4.28
N ARG A 428 3.45 -35.75 -3.71
CA ARG A 428 3.14 -36.61 -2.58
C ARG A 428 2.73 -35.78 -1.36
N ALA A 429 2.74 -34.46 -1.52
CA ALA A 429 2.37 -33.55 -0.43
C ALA A 429 2.12 -34.32 0.86
N GLU B 6 -2.52 -1.28 6.04
CA GLU B 6 -3.21 -0.81 4.81
C GLU B 6 -3.85 0.62 4.94
N LYS B 7 -5.18 0.65 4.93
CA LYS B 7 -5.91 1.84 5.34
C LYS B 7 -6.20 1.64 6.84
N PHE B 8 -6.05 2.74 7.60
CA PHE B 8 -6.11 2.77 9.06
C PHE B 8 -7.54 2.41 9.43
N LEU B 9 -7.75 1.41 10.27
CA LEU B 9 -9.13 0.99 10.57
C LEU B 9 -9.75 1.84 11.66
N TRP B 10 -10.56 2.82 11.27
CA TRP B 10 -11.47 3.46 12.20
C TRP B 10 -12.64 2.52 12.50
N GLY B 11 -12.84 2.17 13.76
CA GLY B 11 -13.87 1.18 14.07
C GLY B 11 -14.76 1.43 15.27
N VAL B 12 -15.70 0.52 15.52
CA VAL B 12 -16.41 0.44 16.78
C VAL B 12 -16.37 -0.99 17.27
N ALA B 13 -16.57 -1.19 18.57
CA ALA B 13 -16.40 -2.53 19.13
C ALA B 13 -17.60 -2.91 19.99
N THR B 14 -17.97 -4.19 19.95
CA THR B 14 -19.04 -4.74 20.79
C THR B 14 -18.65 -6.17 21.18
N SER B 15 -19.51 -6.88 21.92
CA SER B 15 -19.34 -8.33 22.18
C SER B 15 -20.72 -8.96 22.25
N ALA B 16 -20.81 -10.27 21.93
CA ALA B 16 -22.10 -10.93 21.71
C ALA B 16 -23.09 -10.87 22.85
N TYR B 17 -22.65 -11.28 24.05
CA TYR B 17 -23.60 -11.36 25.17
C TYR B 17 -24.03 -9.94 25.54
N GLN B 18 -23.15 -8.97 25.29
CA GLN B 18 -23.48 -7.59 25.64
C GLN B 18 -24.56 -6.99 24.75
N ILE B 19 -24.71 -7.51 23.52
CA ILE B 19 -25.63 -6.81 22.62
C ILE B 19 -26.77 -7.62 21.99
N GLU B 20 -26.58 -8.93 21.90
CA GLU B 20 -27.44 -9.78 21.06
C GLU B 20 -28.88 -10.00 21.53
N GLY B 21 -29.10 -10.22 22.82
CA GLY B 21 -30.44 -10.68 23.23
C GLY B 21 -30.55 -12.08 22.65
N ALA B 22 -31.78 -12.54 22.43
CA ALA B 22 -32.03 -13.90 21.86
C ALA B 22 -31.23 -14.95 22.62
N THR B 23 -31.26 -14.80 23.92
CA THR B 23 -30.46 -15.67 24.78
C THR B 23 -30.95 -17.11 24.71
N GLN B 24 -32.22 -17.27 24.39
CA GLN B 24 -32.83 -18.63 24.37
C GLN B 24 -33.47 -18.92 23.05
N GLU B 25 -32.92 -18.33 22.00
CA GLU B 25 -33.41 -18.45 20.66
C GLU B 25 -32.47 -19.28 19.78
N ASP B 26 -33.09 -20.05 18.88
CA ASP B 26 -32.37 -20.67 17.77
C ASP B 26 -31.31 -21.66 18.22
N GLY B 27 -31.61 -22.39 19.28
CA GLY B 27 -30.70 -23.38 19.84
C GLY B 27 -29.54 -22.87 20.70
N ARG B 28 -29.48 -21.55 21.01
CA ARG B 28 -28.36 -21.03 21.87
C ARG B 28 -28.43 -21.73 23.23
N GLY B 29 -27.30 -22.22 23.70
CA GLY B 29 -27.26 -22.74 25.06
C GLY B 29 -26.82 -21.69 26.09
N PRO B 30 -26.96 -21.99 27.38
CA PRO B 30 -26.62 -21.01 28.39
C PRO B 30 -25.12 -20.84 28.50
N SER B 31 -24.69 -19.62 28.81
CA SER B 31 -23.30 -19.35 29.09
C SER B 31 -23.12 -19.15 30.63
N ILE B 32 -21.90 -19.02 31.08
CA ILE B 32 -21.67 -18.72 32.51
C ILE B 32 -22.29 -17.40 32.97
N TRP B 33 -22.51 -16.47 32.06
CA TRP B 33 -23.10 -15.19 32.41
C TRP B 33 -24.59 -15.30 32.55
N ASP B 34 -25.22 -16.20 31.79
CA ASP B 34 -26.64 -16.46 31.99
C ASP B 34 -26.87 -16.92 33.43
N ALA B 35 -25.97 -17.78 33.93
CA ALA B 35 -26.15 -18.31 35.28
C ALA B 35 -25.67 -17.28 36.33
N PHE B 36 -24.54 -16.62 36.10
CA PHE B 36 -24.01 -15.62 37.05
C PHE B 36 -25.01 -14.45 37.20
N ALA B 37 -25.64 -14.02 36.11
CA ALA B 37 -26.60 -12.88 36.18
C ALA B 37 -27.83 -13.17 37.06
N GLN B 38 -28.08 -14.43 37.35
CA GLN B 38 -29.14 -14.82 38.29
C GLN B 38 -28.74 -14.79 39.77
N ARG B 39 -27.45 -14.69 40.08
CA ARG B 39 -27.02 -14.65 41.49
C ARG B 39 -27.32 -13.30 42.13
N PRO B 40 -27.94 -13.33 43.34
CA PRO B 40 -28.13 -12.03 44.02
C PRO B 40 -26.75 -11.39 44.34
N GLY B 41 -26.62 -10.11 44.03
CA GLY B 41 -25.37 -9.39 44.21
C GLY B 41 -24.39 -9.45 43.04
N ALA B 42 -24.59 -10.36 42.07
CA ALA B 42 -23.73 -10.36 40.91
C ALA B 42 -23.83 -9.15 40.00
N ILE B 43 -25.03 -8.70 39.72
CA ILE B 43 -25.17 -7.64 38.74
C ILE B 43 -25.78 -6.50 39.54
N ARG B 44 -25.19 -5.34 39.42
CA ARG B 44 -25.60 -4.24 40.24
C ARG B 44 -27.09 -3.95 40.29
N ASP B 45 -27.74 -3.89 39.10
CA ASP B 45 -29.17 -3.65 39.03
C ASP B 45 -29.99 -4.99 38.85
N GLY B 46 -29.37 -6.11 39.16
CA GLY B 46 -29.99 -7.44 39.04
C GLY B 46 -30.47 -7.81 37.63
N SER B 47 -29.82 -7.25 36.61
CA SER B 47 -30.22 -7.46 35.19
C SER B 47 -29.51 -8.64 34.44
N THR B 48 -29.97 -8.92 33.21
CA THR B 48 -29.34 -9.91 32.38
C THR B 48 -29.14 -9.39 30.94
N GLY B 49 -28.58 -10.24 30.09
CA GLY B 49 -28.34 -9.87 28.71
C GLY B 49 -29.60 -9.47 27.98
N GLU B 50 -30.74 -9.70 28.63
CA GLU B 50 -32.04 -9.36 28.05
C GLU B 50 -32.51 -7.99 28.50
N PRO B 51 -32.81 -7.11 27.55
CA PRO B 51 -32.70 -7.46 26.13
C PRO B 51 -31.55 -6.73 25.46
N ALA B 52 -30.41 -6.67 26.15
CA ALA B 52 -29.23 -6.00 25.60
C ALA B 52 -29.62 -4.98 24.54
N CYS B 53 -29.22 -5.25 23.30
CA CYS B 53 -29.53 -4.34 22.16
C CYS B 53 -30.34 -5.01 21.05
N ASP B 54 -30.84 -6.21 21.33
CA ASP B 54 -31.69 -6.94 20.41
C ASP B 54 -31.01 -7.05 19.05
N HIS B 55 -29.68 -7.11 19.06
CA HIS B 55 -28.83 -7.04 17.86
C HIS B 55 -28.99 -8.29 17.01
N TYR B 56 -29.26 -9.43 17.65
CA TYR B 56 -29.63 -10.64 16.93
C TYR B 56 -30.73 -10.37 15.89
N ARG B 57 -31.72 -9.53 16.20
CA ARG B 57 -32.78 -9.21 15.23
C ARG B 57 -32.52 -7.94 14.46
N ARG B 58 -31.77 -7.01 15.04
CA ARG B 58 -31.62 -5.68 14.48
C ARG B 58 -30.27 -5.41 13.87
N TYR B 59 -29.57 -6.47 13.49
CA TYR B 59 -28.18 -6.29 13.03
C TYR B 59 -28.06 -5.41 11.74
N GLU B 60 -29.05 -5.46 10.86
CA GLU B 60 -28.99 -4.59 9.69
C GLU B 60 -29.05 -3.11 10.07
N GLU B 61 -29.96 -2.72 10.96
CA GLU B 61 -30.09 -1.30 11.19
C GLU B 61 -28.82 -0.81 11.97
N ASP B 62 -28.19 -1.71 12.75
CA ASP B 62 -26.93 -1.42 13.44
C ASP B 62 -25.79 -1.18 12.44
N ILE B 63 -25.71 -2.05 11.43
CA ILE B 63 -24.77 -1.83 10.35
C ILE B 63 -24.96 -0.47 9.62
N ALA B 64 -26.21 -0.08 9.37
CA ALA B 64 -26.48 1.21 8.75
C ALA B 64 -26.03 2.35 9.66
N LEU B 65 -26.18 2.20 10.98
CA LEU B 65 -25.62 3.19 11.88
C LEU B 65 -24.08 3.25 11.70
N MET B 66 -23.44 2.09 11.56
CA MET B 66 -22.00 2.02 11.37
C MET B 66 -21.59 2.79 10.13
N GLN B 67 -22.24 2.43 9.01
CA GLN B 67 -22.07 3.14 7.77
C GLN B 67 -22.13 4.66 7.90
N SER B 68 -23.21 5.16 8.50
CA SER B 68 -23.42 6.59 8.67
C SER B 68 -22.32 7.28 9.52
N LEU B 69 -21.69 6.55 10.43
CA LEU B 69 -20.52 7.08 11.13
C LEU B 69 -19.26 7.16 10.28
N GLY B 70 -19.21 6.35 9.21
CA GLY B 70 -18.09 6.36 8.24
C GLY B 70 -17.02 5.39 8.72
N VAL B 71 -17.42 4.55 9.67
CA VAL B 71 -16.56 3.53 10.22
C VAL B 71 -16.15 2.50 9.12
N ARG B 72 -14.87 2.13 9.07
CA ARG B 72 -14.40 1.11 8.15
C ARG B 72 -14.13 -0.27 8.80
N ALA B 73 -14.27 -0.39 10.12
CA ALA B 73 -14.10 -1.69 10.74
C ALA B 73 -15.04 -1.89 11.93
N TYR B 74 -15.56 -3.11 12.05
CA TYR B 74 -16.45 -3.46 13.13
C TYR B 74 -15.84 -4.63 13.96
N ARG B 75 -15.57 -4.39 15.22
CA ARG B 75 -15.02 -5.45 16.05
C ARG B 75 -16.21 -6.02 16.83
N PHE B 76 -16.42 -7.33 16.73
CA PHE B 76 -17.51 -8.03 17.38
C PHE B 76 -17.08 -9.44 17.85
N SER B 77 -17.91 -10.09 18.64
CA SER B 77 -17.53 -11.43 19.07
C SER B 77 -18.58 -12.40 18.63
N VAL B 78 -18.16 -13.66 18.48
CA VAL B 78 -19.03 -14.75 18.18
C VAL B 78 -19.36 -15.43 19.51
N ALA B 79 -20.60 -15.82 19.71
CA ALA B 79 -21.02 -16.46 20.97
C ALA B 79 -20.81 -17.98 20.92
N TRP B 80 -19.76 -18.49 21.58
CA TRP B 80 -19.50 -19.95 21.66
C TRP B 80 -20.79 -20.74 21.93
N PRO B 81 -21.60 -20.31 22.94
CA PRO B 81 -22.84 -21.02 23.28
C PRO B 81 -23.87 -21.09 22.10
N ARG B 82 -23.81 -20.17 21.12
CA ARG B 82 -24.63 -20.27 19.90
C ARG B 82 -24.08 -21.26 18.91
N ILE B 83 -22.76 -21.46 18.91
CA ILE B 83 -22.18 -22.25 17.82
C ILE B 83 -22.16 -23.69 18.30
N LEU B 84 -21.74 -23.92 19.55
CA LEU B 84 -21.82 -25.22 20.18
C LEU B 84 -22.48 -25.09 21.55
N PRO B 85 -23.82 -25.23 21.59
CA PRO B 85 -24.55 -25.00 22.82
C PRO B 85 -24.05 -25.78 24.03
N GLU B 86 -23.46 -26.95 23.83
CA GLU B 86 -22.88 -27.73 24.92
C GLU B 86 -21.36 -27.58 25.04
N GLY B 87 -20.74 -26.60 24.37
CA GLY B 87 -19.31 -26.44 24.47
C GLY B 87 -18.54 -27.28 23.46
N ARG B 88 -18.75 -28.59 23.48
CA ARG B 88 -18.17 -29.53 22.52
C ARG B 88 -19.33 -30.27 21.85
N GLY B 89 -19.04 -31.10 20.86
CA GLY B 89 -20.10 -31.92 20.31
C GLY B 89 -20.70 -31.35 19.05
N ARG B 90 -22.02 -31.35 18.96
CA ARG B 90 -22.73 -31.01 17.73
C ARG B 90 -22.84 -29.49 17.46
N ILE B 91 -22.46 -29.07 16.26
CA ILE B 91 -22.50 -27.70 15.86
C ILE B 91 -23.91 -27.21 15.57
N ASN B 92 -24.27 -26.04 16.10
CA ASN B 92 -25.61 -25.49 15.87
C ASN B 92 -25.70 -24.66 14.56
N PRO B 93 -26.38 -25.22 13.55
CA PRO B 93 -26.41 -24.58 12.23
C PRO B 93 -27.03 -23.19 12.25
N LYS B 94 -28.05 -22.95 13.07
CA LYS B 94 -28.65 -21.61 13.11
C LYS B 94 -27.67 -20.59 13.71
N GLY B 95 -26.79 -21.06 14.59
CA GLY B 95 -25.74 -20.22 15.15
C GLY B 95 -24.74 -19.73 14.11
N LEU B 96 -24.24 -20.65 13.29
CA LEU B 96 -23.26 -20.24 12.27
C LEU B 96 -23.93 -19.36 11.23
N ALA B 97 -25.17 -19.71 10.89
CA ALA B 97 -25.93 -19.00 9.87
C ALA B 97 -26.09 -17.53 10.22
N PHE B 98 -26.41 -17.25 11.49
CA PHE B 98 -26.42 -15.86 11.95
C PHE B 98 -25.12 -15.08 11.64
N TYR B 99 -23.97 -15.65 11.98
CA TYR B 99 -22.71 -14.91 11.82
C TYR B 99 -22.38 -14.80 10.33
N ASP B 100 -22.81 -15.82 9.58
CA ASP B 100 -22.73 -15.79 8.13
C ASP B 100 -23.41 -14.54 7.56
N ARG B 101 -24.68 -14.34 7.95
CA ARG B 101 -25.45 -13.20 7.47
C ARG B 101 -24.93 -11.90 8.02
N LEU B 102 -24.39 -11.92 9.24
CA LEU B 102 -23.78 -10.71 9.81
C LEU B 102 -22.57 -10.30 8.95
N VAL B 103 -21.64 -11.23 8.71
CA VAL B 103 -20.44 -10.97 7.95
C VAL B 103 -20.71 -10.53 6.48
N ASP B 104 -21.60 -11.22 5.78
CA ASP B 104 -21.94 -10.81 4.42
C ASP B 104 -22.50 -9.40 4.38
N ARG B 105 -23.35 -9.05 5.34
CA ARG B 105 -23.94 -7.75 5.35
C ARG B 105 -22.89 -6.67 5.58
N LEU B 106 -21.90 -7.00 6.43
CA LEU B 106 -20.77 -6.11 6.69
C LEU B 106 -19.98 -5.81 5.41
N LEU B 107 -19.58 -6.85 4.69
CA LEU B 107 -18.85 -6.73 3.45
C LEU B 107 -19.57 -5.87 2.43
N ALA B 108 -20.87 -6.09 2.30
CA ALA B 108 -21.73 -5.31 1.37
C ALA B 108 -21.82 -3.86 1.79
N SER B 109 -21.44 -3.56 3.01
CA SER B 109 -21.43 -2.17 3.42
C SER B 109 -20.01 -1.64 3.45
N GLY B 110 -19.06 -2.41 2.95
CA GLY B 110 -17.65 -1.97 2.94
C GLY B 110 -17.03 -1.88 4.33
N ILE B 111 -17.47 -2.71 5.27
CA ILE B 111 -16.89 -2.72 6.59
C ILE B 111 -16.10 -4.02 6.79
N THR B 112 -14.86 -3.86 7.27
CA THR B 112 -14.01 -4.98 7.61
C THR B 112 -14.43 -5.64 8.96
N PRO B 113 -14.77 -6.96 8.92
CA PRO B 113 -15.02 -7.71 10.17
C PRO B 113 -13.74 -7.98 10.90
N PHE B 114 -13.83 -7.81 12.22
CA PHE B 114 -12.71 -7.97 13.08
C PHE B 114 -13.23 -8.80 14.25
N LEU B 115 -13.08 -10.12 14.13
CA LEU B 115 -13.85 -11.02 14.94
C LEU B 115 -13.10 -11.46 16.21
N THR B 116 -13.77 -11.37 17.37
CA THR B 116 -13.31 -12.01 18.64
C THR B 116 -13.97 -13.37 18.86
N LEU B 117 -13.16 -14.40 19.08
CA LEU B 117 -13.64 -15.77 19.36
C LEU B 117 -14.23 -15.91 20.81
N TYR B 118 -13.42 -15.54 21.82
CA TYR B 118 -13.90 -15.66 23.20
C TYR B 118 -14.04 -14.30 23.91
N HIS B 119 -15.28 -13.84 24.16
CA HIS B 119 -15.45 -12.56 24.92
C HIS B 119 -16.37 -12.92 26.13
N TRP B 120 -15.94 -13.96 26.87
CA TRP B 120 -16.35 -14.21 28.24
C TRP B 120 -17.52 -15.15 28.44
N ASP B 121 -18.28 -15.42 27.37
CA ASP B 121 -19.49 -16.20 27.48
C ASP B 121 -19.21 -17.70 27.35
N LEU B 122 -18.36 -18.25 28.20
CA LEU B 122 -18.09 -19.66 28.19
C LEU B 122 -19.39 -20.46 28.27
N PRO B 123 -19.55 -21.52 27.47
CA PRO B 123 -20.76 -22.37 27.65
C PRO B 123 -20.87 -23.02 29.05
N LEU B 124 -22.06 -22.92 29.64
CA LEU B 124 -22.28 -23.38 30.99
C LEU B 124 -21.92 -24.87 31.14
N ALA B 125 -22.22 -25.67 30.12
CA ALA B 125 -21.84 -27.08 30.11
C ALA B 125 -20.34 -27.27 30.43
N LEU B 126 -19.48 -26.39 29.89
CA LEU B 126 -18.01 -26.51 30.15
C LEU B 126 -17.61 -26.09 31.58
N GLU B 127 -18.27 -25.07 32.11
CA GLU B 127 -18.12 -24.68 33.47
C GLU B 127 -18.48 -25.82 34.47
N GLU B 128 -19.51 -26.60 34.19
CA GLU B 128 -19.83 -27.71 35.08
C GLU B 128 -18.74 -28.78 35.10
N ARG B 129 -17.83 -28.75 34.13
CA ARG B 129 -16.74 -29.69 34.02
C ARG B 129 -15.41 -29.02 34.50
N GLY B 130 -15.50 -27.93 35.26
CA GLY B 130 -14.32 -27.20 35.72
C GLY B 130 -13.98 -25.91 34.96
N GLY B 131 -14.67 -25.60 33.84
CA GLY B 131 -14.49 -24.33 33.12
C GLY B 131 -13.02 -24.12 32.83
N TRP B 132 -12.52 -22.87 32.97
CA TRP B 132 -11.12 -22.61 32.68
C TRP B 132 -10.14 -23.24 33.68
N ARG B 133 -10.65 -23.80 34.77
CA ARG B 133 -9.75 -24.63 35.62
C ARG B 133 -9.36 -25.98 35.03
N SER B 134 -9.99 -26.35 33.92
CA SER B 134 -9.67 -27.66 33.32
C SER B 134 -9.00 -27.48 31.95
N ARG B 135 -7.91 -28.24 31.74
CA ARG B 135 -7.21 -28.26 30.45
C ARG B 135 -8.16 -28.64 29.34
N GLU B 136 -9.20 -29.44 29.63
CA GLU B 136 -10.10 -29.78 28.59
C GLU B 136 -10.87 -28.61 27.95
N THR B 137 -11.10 -27.55 28.72
CA THR B 137 -11.72 -26.37 28.15
C THR B 137 -10.80 -25.67 27.11
N ALA B 138 -9.48 -25.67 27.37
CA ALA B 138 -8.51 -25.17 26.33
C ALA B 138 -8.67 -25.90 24.96
N PHE B 139 -8.69 -27.23 25.00
CA PHE B 139 -8.93 -28.04 23.79
C PHE B 139 -10.28 -27.75 23.18
N ALA B 140 -11.32 -27.66 24.02
CA ALA B 140 -12.65 -27.33 23.53
C ALA B 140 -12.69 -25.99 22.79
N PHE B 141 -12.08 -24.97 23.38
CA PHE B 141 -11.93 -23.66 22.72
C PHE B 141 -11.22 -23.76 21.33
N ALA B 142 -10.13 -24.53 21.19
CA ALA B 142 -9.42 -24.54 19.87
C ALA B 142 -10.31 -25.20 18.79
N GLU B 143 -11.08 -26.19 19.22
CA GLU B 143 -12.07 -26.85 18.41
C GLU B 143 -13.19 -25.90 17.92
N TYR B 144 -13.74 -25.11 18.83
CA TYR B 144 -14.71 -24.08 18.47
C TYR B 144 -14.04 -23.06 17.51
N ALA B 145 -12.81 -22.64 17.80
CA ALA B 145 -12.08 -21.73 16.91
C ALA B 145 -11.98 -22.27 15.51
N GLU B 146 -11.58 -23.53 15.38
CA GLU B 146 -11.56 -24.24 14.15
C GLU B 146 -12.93 -24.26 13.43
N ALA B 147 -13.99 -24.58 14.16
CA ALA B 147 -15.30 -24.59 13.52
C ALA B 147 -15.63 -23.16 13.03
N VAL B 148 -15.31 -22.14 13.81
CA VAL B 148 -15.67 -20.77 13.32
C VAL B 148 -14.82 -20.36 12.09
N ALA B 149 -13.50 -20.58 12.17
CA ALA B 149 -12.64 -20.30 11.03
C ALA B 149 -13.01 -21.09 9.72
N ARG B 150 -13.37 -22.35 9.83
CA ARG B 150 -13.86 -23.08 8.64
C ARG B 150 -15.04 -22.39 7.95
N ALA B 151 -15.97 -21.80 8.71
CA ALA B 151 -17.11 -21.16 8.06
C ALA B 151 -16.76 -19.75 7.57
N LEU B 152 -15.87 -19.05 8.27
CA LEU B 152 -15.81 -17.60 8.07
C LEU B 152 -14.48 -17.03 7.57
N ALA B 153 -13.42 -17.81 7.60
CA ALA B 153 -12.06 -17.27 7.31
C ALA B 153 -11.91 -16.82 5.85
N ASP B 154 -12.85 -17.24 5.02
CA ASP B 154 -12.83 -16.79 3.62
C ASP B 154 -13.19 -15.31 3.52
N ARG B 155 -13.84 -14.72 4.53
CA ARG B 155 -14.41 -13.37 4.51
C ARG B 155 -14.01 -12.48 5.74
N VAL B 156 -13.55 -13.11 6.84
CA VAL B 156 -13.15 -12.36 8.00
C VAL B 156 -11.63 -12.42 8.04
N PRO B 157 -10.95 -11.30 7.82
CA PRO B 157 -9.45 -11.33 7.78
C PRO B 157 -8.85 -11.47 9.20
N PHE B 158 -9.53 -10.94 10.22
CA PHE B 158 -8.92 -10.80 11.56
C PHE B 158 -9.67 -11.64 12.54
N PHE B 159 -8.93 -12.55 13.18
CA PHE B 159 -9.48 -13.34 14.28
C PHE B 159 -8.64 -13.05 15.48
N ALA B 160 -9.29 -12.68 16.56
CA ALA B 160 -8.60 -12.66 17.89
C ALA B 160 -9.07 -13.86 18.70
N THR B 161 -8.17 -14.45 19.47
CA THR B 161 -8.57 -15.62 20.26
C THR B 161 -9.39 -15.20 21.49
N LEU B 162 -8.77 -14.53 22.45
CA LEU B 162 -9.41 -14.09 23.70
C LEU B 162 -9.50 -12.55 23.79
N ASN B 163 -10.49 -12.07 24.50
CA ASN B 163 -10.56 -10.67 24.90
C ASN B 163 -10.27 -10.61 26.42
N GLU B 164 -9.24 -9.85 26.81
CA GLU B 164 -8.95 -9.58 28.26
C GLU B 164 -9.03 -10.81 29.17
N PRO B 165 -8.17 -11.80 28.96
CA PRO B 165 -8.11 -12.99 29.82
C PRO B 165 -7.75 -12.60 31.25
N TRP B 166 -7.15 -11.42 31.46
CA TRP B 166 -6.97 -10.93 32.84
C TRP B 166 -8.32 -10.85 33.60
N CYS B 167 -9.37 -10.36 32.96
CA CYS B 167 -10.69 -10.22 33.58
C CYS B 167 -11.24 -11.66 33.80
N SER B 168 -11.17 -12.48 32.75
CA SER B 168 -11.70 -13.83 32.82
C SER B 168 -11.08 -14.64 33.98
N ALA B 169 -9.76 -14.48 34.16
CA ALA B 169 -9.01 -15.19 35.20
C ALA B 169 -9.31 -14.62 36.56
N PHE B 170 -8.82 -13.41 36.81
CA PHE B 170 -8.80 -12.81 38.15
C PHE B 170 -10.18 -12.25 38.57
N LEU B 171 -10.92 -11.64 37.64
CA LEU B 171 -12.22 -11.09 38.07
C LEU B 171 -13.23 -12.28 38.09
N GLY B 172 -13.03 -13.26 37.22
CA GLY B 172 -13.97 -14.35 37.17
C GLY B 172 -13.72 -15.39 38.26
N HIS B 173 -12.48 -15.46 38.79
CA HIS B 173 -12.12 -16.55 39.71
C HIS B 173 -11.41 -16.18 41.03
N TRP B 174 -10.88 -14.96 41.15
CA TRP B 174 -10.28 -14.51 42.40
C TRP B 174 -11.18 -13.50 43.09
N THR B 175 -11.59 -12.44 42.40
CA THR B 175 -12.44 -11.44 43.07
C THR B 175 -13.92 -11.85 43.06
N GLY B 176 -14.31 -12.72 42.13
CA GLY B 176 -15.69 -13.20 42.01
C GLY B 176 -16.60 -12.16 41.42
N GLU B 177 -16.02 -11.08 40.88
CA GLU B 177 -16.85 -9.99 40.37
C GLU B 177 -17.44 -10.30 39.03
N HIS B 178 -16.81 -11.23 38.29
CA HIS B 178 -17.25 -11.68 36.94
C HIS B 178 -17.62 -13.14 36.94
N ALA B 179 -18.43 -13.56 35.98
CA ALA B 179 -18.86 -14.95 35.87
C ALA B 179 -17.68 -15.86 35.53
N PRO B 180 -17.70 -17.07 36.08
CA PRO B 180 -18.79 -17.49 36.97
C PRO B 180 -18.88 -16.62 38.22
N GLY B 181 -17.86 -16.68 39.06
CA GLY B 181 -17.83 -15.89 40.28
C GLY B 181 -17.18 -16.63 41.43
N LEU B 182 -16.03 -17.23 41.16
CA LEU B 182 -15.29 -17.96 42.17
C LEU B 182 -14.35 -17.00 42.91
N ARG B 183 -13.87 -17.41 44.06
CA ARG B 183 -13.04 -16.53 44.90
C ARG B 183 -11.83 -17.30 45.42
N ASN B 184 -10.88 -17.63 44.58
CA ASN B 184 -9.81 -18.53 45.01
C ASN B 184 -8.61 -18.29 44.09
N LEU B 185 -7.49 -17.91 44.65
CA LEU B 185 -6.36 -17.49 43.85
C LEU B 185 -5.87 -18.67 43.02
N GLU B 186 -5.88 -19.88 43.60
CA GLU B 186 -5.41 -21.06 42.88
C GLU B 186 -6.25 -21.31 41.63
N ALA B 187 -7.57 -21.20 41.75
CA ALA B 187 -8.48 -21.31 40.64
C ALA B 187 -8.19 -20.26 39.57
N ALA B 188 -7.84 -19.02 40.00
CA ALA B 188 -7.61 -17.94 39.03
C ALA B 188 -6.32 -18.18 38.21
N LEU B 189 -5.32 -18.78 38.84
CA LEU B 189 -4.05 -19.12 38.23
C LEU B 189 -4.18 -20.29 37.28
N ARG B 190 -5.02 -21.27 37.62
CA ARG B 190 -5.31 -22.34 36.69
C ARG B 190 -6.03 -21.77 35.52
N ALA B 191 -7.01 -20.89 35.77
CA ALA B 191 -7.71 -20.21 34.67
C ALA B 191 -6.80 -19.40 33.74
N ALA B 192 -5.91 -18.60 34.34
CA ALA B 192 -5.00 -17.76 33.56
C ALA B 192 -4.22 -18.68 32.61
N HIS B 193 -3.68 -19.77 33.13
CA HIS B 193 -2.88 -20.71 32.29
C HIS B 193 -3.63 -21.44 31.22
N HIS B 194 -4.83 -21.90 31.53
CA HIS B 194 -5.60 -22.57 30.52
C HIS B 194 -6.19 -21.60 29.49
N LEU B 195 -6.48 -20.34 29.86
CA LEU B 195 -6.81 -19.34 28.84
C LEU B 195 -5.59 -19.16 27.88
N LEU B 196 -4.37 -19.07 28.43
CA LEU B 196 -3.21 -18.88 27.59
C LEU B 196 -2.99 -20.16 26.77
N LEU B 197 -3.24 -21.35 27.38
CA LEU B 197 -3.03 -22.58 26.66
C LEU B 197 -4.07 -22.67 25.54
N GLY B 198 -5.31 -22.30 25.84
CA GLY B 198 -6.34 -22.31 24.82
C GLY B 198 -5.98 -21.38 23.66
N HIS B 199 -5.42 -20.20 23.96
CA HIS B 199 -4.96 -19.28 22.91
C HIS B 199 -3.98 -19.98 21.96
N GLY B 200 -2.94 -20.55 22.53
CA GLY B 200 -1.93 -21.31 21.81
C GLY B 200 -2.48 -22.40 20.91
N LEU B 201 -3.32 -23.25 21.45
CA LEU B 201 -3.92 -24.32 20.69
C LEU B 201 -4.79 -23.72 19.57
N ALA B 202 -5.53 -22.67 19.89
CA ALA B 202 -6.42 -22.08 18.91
C ALA B 202 -5.62 -21.44 17.77
N VAL B 203 -4.50 -20.78 18.07
CA VAL B 203 -3.71 -20.15 16.99
C VAL B 203 -3.40 -21.25 15.94
N GLU B 204 -2.91 -22.42 16.40
CA GLU B 204 -2.59 -23.47 15.44
C GLU B 204 -3.79 -24.04 14.70
N ALA B 205 -4.93 -24.21 15.37
CA ALA B 205 -6.18 -24.57 14.72
C ALA B 205 -6.60 -23.46 13.72
N LEU B 206 -6.46 -22.19 14.10
CA LEU B 206 -6.80 -21.09 13.17
C LEU B 206 -5.91 -21.06 11.87
N ARG B 207 -4.60 -21.25 12.02
CA ARG B 207 -3.72 -21.30 10.86
C ARG B 207 -4.15 -22.45 9.92
N ALA B 208 -4.37 -23.64 10.49
CA ALA B 208 -4.73 -24.80 9.73
C ALA B 208 -6.05 -24.57 8.94
N ALA B 209 -6.94 -23.76 9.49
CA ALA B 209 -8.18 -23.39 8.82
C ALA B 209 -8.09 -22.16 7.88
N GLY B 210 -6.93 -21.55 7.77
CA GLY B 210 -6.75 -20.47 6.80
C GLY B 210 -7.12 -19.07 7.29
N ALA B 211 -7.27 -18.90 8.62
CA ALA B 211 -7.41 -17.54 9.16
C ALA B 211 -6.16 -16.76 8.72
N ARG B 212 -6.34 -15.58 8.12
CA ARG B 212 -5.22 -14.79 7.56
C ARG B 212 -4.45 -13.97 8.59
N ARG B 213 -5.15 -13.34 9.54
CA ARG B 213 -4.56 -12.58 10.65
C ARG B 213 -5.07 -13.04 12.01
N VAL B 214 -4.15 -13.55 12.85
CA VAL B 214 -4.51 -14.06 14.14
C VAL B 214 -3.85 -13.27 15.26
N GLY B 215 -4.65 -12.84 16.24
CA GLY B 215 -4.11 -12.10 17.37
C GLY B 215 -4.77 -12.44 18.69
N ILE B 216 -4.53 -11.55 19.63
CA ILE B 216 -5.15 -11.63 20.95
C ILE B 216 -5.38 -10.17 21.42
N VAL B 217 -6.32 -9.99 22.33
CA VAL B 217 -6.74 -8.66 22.76
C VAL B 217 -6.53 -8.63 24.30
N LEU B 218 -5.67 -7.73 24.76
CA LEU B 218 -5.33 -7.65 26.18
C LEU B 218 -5.73 -6.26 26.75
N ASN B 219 -5.99 -6.28 28.04
CA ASN B 219 -6.39 -5.08 28.76
C ASN B 219 -5.16 -4.51 29.45
N PHE B 220 -4.84 -3.26 29.21
CA PHE B 220 -3.76 -2.60 29.94
C PHE B 220 -4.24 -1.50 30.88
N ALA B 221 -3.61 -1.46 32.04
CA ALA B 221 -3.87 -0.40 33.03
C ALA B 221 -2.54 0.06 33.59
N PRO B 222 -1.87 1.00 32.91
CA PRO B 222 -0.60 1.54 33.43
C PRO B 222 -0.70 1.98 34.89
N ALA B 223 0.24 1.57 35.72
CA ALA B 223 0.29 1.99 37.09
C ALA B 223 1.27 3.16 37.34
N TYR B 224 0.86 4.08 38.22
CA TYR B 224 1.70 5.21 38.65
C TYR B 224 1.55 5.32 40.16
N GLY B 225 2.56 5.89 40.79
CA GLY B 225 2.57 6.07 42.26
C GLY B 225 3.96 6.40 42.75
N GLU B 226 4.10 6.61 44.04
CA GLU B 226 5.37 7.15 44.50
C GLU B 226 6.35 6.10 44.97
N ASP B 227 5.85 4.92 45.31
CA ASP B 227 6.73 3.81 45.60
C ASP B 227 6.87 2.95 44.33
N PRO B 228 8.12 2.80 43.84
CA PRO B 228 8.45 1.99 42.64
C PRO B 228 8.15 0.48 42.79
N GLU B 229 8.26 -0.06 44.01
CA GLU B 229 8.04 -1.49 44.20
C GLU B 229 6.58 -1.85 44.04
N ALA B 230 5.70 -1.04 44.64
CA ALA B 230 4.28 -1.24 44.52
C ALA B 230 3.80 -0.95 43.07
N VAL B 231 4.43 0.00 42.38
CA VAL B 231 4.08 0.27 41.00
C VAL B 231 4.44 -0.97 40.17
N ASP B 232 5.60 -1.55 40.43
CA ASP B 232 6.02 -2.70 39.70
C ASP B 232 5.16 -3.95 39.97
N VAL B 233 4.77 -4.17 41.22
CA VAL B 233 3.82 -5.22 41.53
C VAL B 233 2.59 -5.05 40.67
N ALA B 234 2.00 -3.85 40.66
CA ALA B 234 0.74 -3.59 39.92
C ALA B 234 0.88 -3.84 38.42
N ASP B 235 2.03 -3.46 37.87
CA ASP B 235 2.35 -3.64 36.45
C ASP B 235 2.53 -5.15 36.11
N ARG B 236 3.21 -5.92 36.94
CA ARG B 236 3.32 -7.34 36.68
C ARG B 236 1.90 -7.99 36.69
N TYR B 237 1.09 -7.62 37.69
CA TYR B 237 -0.25 -8.20 37.81
C TYR B 237 -1.17 -7.88 36.63
N HIS B 238 -1.33 -6.62 36.30
CA HIS B 238 -2.31 -6.22 35.30
C HIS B 238 -1.74 -6.22 33.95
N ASN B 239 -0.44 -5.97 33.79
CA ASN B 239 0.01 -5.66 32.44
C ASN B 239 0.95 -6.66 31.78
N ARG B 240 1.53 -7.54 32.56
CA ARG B 240 2.52 -8.46 31.99
C ARG B 240 2.19 -9.90 32.14
N PHE B 241 1.15 -10.21 32.95
CA PHE B 241 0.85 -11.60 33.31
C PHE B 241 0.44 -12.39 32.07
N PHE B 242 -0.17 -11.70 31.11
CA PHE B 242 -0.57 -12.36 29.88
C PHE B 242 0.36 -12.05 28.69
N LEU B 243 0.73 -10.79 28.59
CA LEU B 243 1.57 -10.38 27.49
C LEU B 243 2.96 -11.05 27.51
N ASP B 244 3.62 -11.18 28.66
CA ASP B 244 4.95 -11.73 28.70
C ASP B 244 4.97 -13.19 28.21
N PRO B 245 4.03 -14.06 28.67
CA PRO B 245 4.01 -15.41 28.11
C PRO B 245 3.76 -15.43 26.59
N ILE B 246 2.84 -14.55 26.11
CA ILE B 246 2.56 -14.41 24.67
C ILE B 246 3.86 -14.01 23.92
N LEU B 247 4.64 -13.08 24.47
CA LEU B 247 5.90 -12.66 23.82
C LEU B 247 7.00 -13.68 23.97
N GLY B 248 6.73 -14.82 24.62
CA GLY B 248 7.78 -15.77 24.85
C GLY B 248 8.71 -15.45 26.01
N LYS B 249 8.29 -14.62 26.98
CA LYS B 249 9.18 -14.34 28.12
C LYS B 249 8.81 -15.08 29.38
N GLY B 250 7.86 -16.01 29.29
CA GLY B 250 7.41 -16.74 30.43
C GLY B 250 6.55 -15.79 31.26
N TYR B 251 6.05 -16.31 32.38
CA TYR B 251 5.28 -15.48 33.28
C TYR B 251 6.20 -14.51 33.99
N PRO B 252 5.68 -13.34 34.36
CA PRO B 252 6.58 -12.34 35.07
C PRO B 252 6.87 -12.79 36.48
N GLU B 253 7.85 -12.20 37.14
CA GLU B 253 8.00 -12.54 38.58
C GLU B 253 6.64 -12.36 39.31
N SER B 254 6.28 -13.32 40.13
CA SER B 254 4.98 -13.29 40.78
C SER B 254 4.71 -11.98 41.51
N PRO B 255 3.54 -11.40 41.27
CA PRO B 255 3.17 -10.23 42.01
C PRO B 255 2.56 -10.59 43.38
N PHE B 256 2.40 -11.88 43.69
CA PHE B 256 1.66 -12.28 44.88
C PHE B 256 2.60 -12.70 46.03
N ARG B 257 2.15 -12.51 47.26
CA ARG B 257 2.90 -13.04 48.41
C ARG B 257 2.47 -14.46 48.60
N ASP B 258 3.48 -15.34 48.59
CA ASP B 258 3.25 -16.73 48.85
C ASP B 258 2.25 -17.43 47.92
N PRO B 259 2.37 -17.25 46.60
CA PRO B 259 1.25 -17.76 45.79
C PRO B 259 1.20 -19.30 45.61
N PRO B 260 0.01 -19.85 45.30
CA PRO B 260 -0.07 -21.25 44.87
C PRO B 260 0.42 -21.31 43.40
N PRO B 261 0.67 -22.51 42.87
CA PRO B 261 1.38 -22.57 41.61
C PRO B 261 0.51 -22.33 40.38
N VAL B 262 1.17 -21.91 39.29
CA VAL B 262 0.54 -21.92 37.98
C VAL B 262 0.78 -23.35 37.46
N PRO B 263 -0.27 -24.02 36.93
CA PRO B 263 -0.15 -25.43 36.53
C PRO B 263 0.52 -25.65 35.14
N ILE B 264 1.78 -25.30 35.03
CA ILE B 264 2.51 -25.39 33.79
C ILE B 264 3.03 -26.82 33.59
N LEU B 265 2.67 -27.41 32.45
CA LEU B 265 3.08 -28.78 32.17
C LEU B 265 3.81 -28.84 30.86
N SER B 266 4.44 -29.96 30.63
CA SER B 266 4.92 -30.36 29.34
C SER B 266 5.70 -29.25 28.65
N ARG B 267 5.25 -28.78 27.54
CA ARG B 267 5.88 -27.63 27.00
C ARG B 267 4.92 -26.46 26.87
N ASP B 268 4.15 -26.21 27.89
CA ASP B 268 3.01 -25.28 27.70
C ASP B 268 3.45 -23.89 27.15
N LEU B 269 4.50 -23.31 27.71
CA LEU B 269 4.91 -21.99 27.25
C LEU B 269 5.30 -21.90 25.79
N GLU B 270 5.82 -22.97 25.21
CA GLU B 270 6.17 -22.90 23.82
C GLU B 270 4.94 -22.78 22.98
N LEU B 271 3.89 -23.55 23.33
CA LEU B 271 2.58 -23.45 22.71
C LEU B 271 1.96 -22.04 22.86
N VAL B 272 2.06 -21.43 24.04
CA VAL B 272 1.42 -20.12 24.27
C VAL B 272 2.03 -19.05 23.36
N ALA B 273 3.35 -19.12 23.18
CA ALA B 273 4.06 -18.17 22.35
C ALA B 273 4.12 -18.63 20.89
N ARG B 274 3.04 -18.39 20.16
CA ARG B 274 2.97 -18.79 18.76
C ARG B 274 2.80 -17.58 17.85
N PRO B 275 3.76 -17.39 16.93
CA PRO B 275 3.71 -16.26 15.99
C PRO B 275 2.29 -15.72 15.83
N LEU B 276 2.14 -14.42 15.98
CA LEU B 276 0.82 -13.77 15.85
C LEU B 276 0.97 -12.73 14.77
N ASP B 277 -0.16 -12.11 14.40
CA ASP B 277 -0.19 -11.07 13.38
C ASP B 277 -0.54 -9.70 13.93
N PHE B 278 -1.17 -9.66 15.11
CA PHE B 278 -1.48 -8.37 15.75
C PHE B 278 -1.65 -8.51 17.25
N LEU B 279 -1.52 -7.39 17.94
CA LEU B 279 -1.94 -7.31 19.32
C LEU B 279 -3.03 -6.25 19.44
N GLY B 280 -4.18 -6.61 20.00
CA GLY B 280 -5.26 -5.65 20.29
C GLY B 280 -4.99 -5.10 21.72
N VAL B 281 -5.00 -3.79 21.82
CA VAL B 281 -4.70 -3.03 23.02
C VAL B 281 -6.02 -2.40 23.47
N ASN B 282 -6.53 -2.91 24.59
CA ASN B 282 -7.68 -2.27 25.30
C ASN B 282 -7.20 -1.36 26.40
N TYR B 283 -7.64 -0.11 26.35
CA TYR B 283 -7.22 0.87 27.33
C TYR B 283 -8.36 1.80 27.70
N TYR B 284 -8.51 1.99 29.00
CA TYR B 284 -9.53 2.93 29.57
C TYR B 284 -8.87 3.94 30.55
N ALA B 285 -8.00 3.43 31.43
CA ALA B 285 -7.41 4.27 32.51
C ALA B 285 -6.20 3.63 33.13
N PRO B 286 -5.34 4.48 33.72
CA PRO B 286 -4.26 4.03 34.57
C PRO B 286 -4.78 3.69 35.98
N VAL B 287 -3.88 3.25 36.88
CA VAL B 287 -4.21 2.96 38.26
C VAL B 287 -3.15 3.59 39.18
N ARG B 288 -3.60 4.24 40.25
CA ARG B 288 -2.63 4.79 41.17
C ARG B 288 -2.46 3.93 42.39
N VAL B 289 -1.23 3.59 42.69
CA VAL B 289 -1.01 2.58 43.75
C VAL B 289 -0.11 2.99 44.87
N ALA B 290 -0.42 2.49 46.05
CA ALA B 290 0.46 2.61 47.22
C ALA B 290 0.80 1.22 47.70
N PRO B 291 1.90 1.06 48.49
CA PRO B 291 2.23 -0.21 49.14
C PRO B 291 1.00 -0.67 49.92
N GLY B 292 0.76 -1.96 49.91
CA GLY B 292 -0.39 -2.55 50.60
C GLY B 292 0.12 -3.75 51.36
N THR B 293 -0.79 -4.62 51.77
CA THR B 293 -0.42 -5.69 52.68
C THR B 293 -0.83 -7.11 52.26
N GLY B 294 -1.93 -7.26 51.55
CA GLY B 294 -2.49 -8.64 51.41
C GLY B 294 -1.67 -9.68 50.64
N THR B 295 -2.39 -10.47 49.86
CA THR B 295 -1.79 -11.40 48.92
C THR B 295 -1.23 -10.64 47.71
N LEU B 296 -1.97 -9.64 47.28
CA LEU B 296 -1.47 -8.66 46.36
C LEU B 296 -1.13 -7.41 47.17
N PRO B 297 0.18 -7.23 47.51
CA PRO B 297 0.57 -6.12 48.41
C PRO B 297 0.49 -4.70 47.80
N VAL B 298 -0.65 -4.32 47.24
CA VAL B 298 -0.82 -2.97 46.70
C VAL B 298 -2.17 -2.39 47.14
N ARG B 299 -2.24 -1.07 47.21
CA ARG B 299 -3.44 -0.38 47.61
C ARG B 299 -3.81 0.53 46.42
N TYR B 300 -5.04 0.41 45.91
CA TYR B 300 -5.51 1.32 44.86
C TYR B 300 -6.03 2.60 45.46
N LEU B 301 -5.38 3.70 45.09
CA LEU B 301 -5.73 5.06 45.56
C LEU B 301 -6.86 5.64 44.71
N PRO B 302 -7.50 6.74 45.17
CA PRO B 302 -8.53 7.34 44.34
C PRO B 302 -7.88 8.18 43.26
N PRO B 303 -8.63 8.42 42.18
CA PRO B 303 -8.10 9.05 40.98
C PRO B 303 -7.71 10.50 41.21
N GLU B 304 -6.58 10.89 40.63
CA GLU B 304 -6.11 12.27 40.62
C GLU B 304 -6.82 13.06 39.51
N GLY B 305 -7.67 14.03 39.89
CA GLY B 305 -8.39 14.85 38.90
C GLY B 305 -9.67 14.20 38.35
N PRO B 306 -9.97 14.45 37.04
CA PRO B 306 -11.25 14.02 36.44
C PRO B 306 -11.36 12.49 36.23
N ALA B 307 -12.54 11.95 36.55
CA ALA B 307 -12.84 10.51 36.48
C ALA B 307 -14.15 10.27 35.69
N THR B 308 -14.36 9.03 35.24
CA THR B 308 -15.63 8.66 34.59
C THR B 308 -16.60 8.16 35.70
N ALA B 309 -17.89 7.95 35.35
CA ALA B 309 -18.83 7.20 36.24
C ALA B 309 -18.20 5.91 36.86
N MET B 310 -17.22 5.31 36.17
CA MET B 310 -16.54 4.12 36.69
C MET B 310 -15.60 4.40 37.87
N GLY B 311 -15.22 5.66 38.11
CA GLY B 311 -14.17 6.01 39.09
C GLY B 311 -12.76 5.95 38.49
N TRP B 312 -12.73 5.88 37.15
CA TRP B 312 -11.52 5.74 36.32
C TRP B 312 -11.01 7.09 35.79
N GLU B 313 -9.76 7.41 36.12
CA GLU B 313 -9.05 8.61 35.62
C GLU B 313 -9.02 8.79 34.09
N VAL B 314 -9.24 10.02 33.66
CA VAL B 314 -9.14 10.41 32.24
C VAL B 314 -7.69 10.80 32.05
N TYR B 315 -6.91 9.92 31.44
CA TYR B 315 -5.50 10.26 31.28
C TYR B 315 -5.05 9.83 29.91
N PRO B 316 -5.34 10.69 28.89
CA PRO B 316 -4.99 10.40 27.48
C PRO B 316 -3.50 10.12 27.28
N GLU B 317 -2.62 10.84 28.01
CA GLU B 317 -1.16 10.64 27.94
C GLU B 317 -0.70 9.23 28.38
N GLY B 318 -1.48 8.61 29.29
CA GLY B 318 -1.40 7.20 29.62
C GLY B 318 -1.46 6.30 28.39
N LEU B 319 -2.33 6.63 27.41
CA LEU B 319 -2.49 5.82 26.20
C LEU B 319 -1.25 6.00 25.29
N HIS B 320 -0.84 7.26 25.11
CA HIS B 320 0.36 7.56 24.36
C HIS B 320 1.57 6.83 24.92
N HIS B 321 1.77 6.92 26.23
CA HIS B 321 2.95 6.30 26.85
C HIS B 321 2.90 4.78 26.71
N LEU B 322 1.72 4.20 26.95
CA LEU B 322 1.47 2.78 26.83
C LEU B 322 1.85 2.28 25.41
N LEU B 323 1.35 2.99 24.40
CA LEU B 323 1.50 2.60 23.03
C LEU B 323 2.98 2.67 22.60
N LYS B 324 3.71 3.66 23.14
CA LYS B 324 5.16 3.74 22.95
C LYS B 324 5.91 2.54 23.57
N ARG B 325 5.54 2.15 24.78
CA ARG B 325 6.17 1.04 25.44
C ARG B 325 5.78 -0.26 24.64
N LEU B 326 4.53 -0.47 24.25
CA LEU B 326 4.21 -1.68 23.46
C LEU B 326 4.99 -1.74 22.10
N GLY B 327 5.09 -0.59 21.43
CA GLY B 327 5.90 -0.42 20.25
C GLY B 327 7.30 -0.97 20.35
N ARG B 328 7.95 -0.78 21.47
CA ARG B 328 9.31 -1.26 21.61
C ARG B 328 9.34 -2.75 21.90
N GLU B 329 8.28 -3.32 22.43
CA GLU B 329 8.36 -4.64 23.02
C GLU B 329 7.67 -5.67 22.12
N VAL B 330 6.59 -5.25 21.44
CA VAL B 330 5.72 -6.14 20.73
C VAL B 330 6.08 -6.11 19.21
N PRO B 331 6.33 -7.30 18.62
CA PRO B 331 6.88 -7.43 17.25
C PRO B 331 5.80 -7.49 16.12
N TRP B 332 4.61 -7.03 16.44
CA TRP B 332 3.48 -7.05 15.53
C TRP B 332 2.81 -5.73 15.71
N PRO B 333 2.05 -5.31 14.70
CA PRO B 333 1.29 -4.10 14.76
C PRO B 333 0.20 -4.16 15.86
N LEU B 334 -0.20 -3.00 16.37
CA LEU B 334 -1.17 -2.89 17.41
C LEU B 334 -2.41 -2.32 16.82
N TYR B 335 -3.54 -2.71 17.37
CA TYR B 335 -4.79 -2.03 17.10
C TYR B 335 -5.32 -1.63 18.45
N VAL B 336 -5.78 -0.39 18.61
CA VAL B 336 -6.44 0.01 19.85
C VAL B 336 -7.84 -0.54 19.73
N THR B 337 -8.07 -1.68 20.35
CA THR B 337 -9.28 -2.44 20.08
C THR B 337 -10.44 -2.06 20.93
N GLU B 338 -10.19 -1.42 22.05
CA GLU B 338 -11.22 -0.72 22.79
C GLU B 338 -10.61 0.51 23.44
N ASN B 339 -11.37 1.59 23.36
CA ASN B 339 -11.12 2.79 24.14
C ASN B 339 -12.47 3.48 24.31
N GLY B 340 -12.75 3.92 25.52
CA GLY B 340 -14.09 4.55 25.72
C GLY B 340 -14.32 5.01 27.14
N ALA B 341 -15.52 5.56 27.39
CA ALA B 341 -15.88 6.11 28.68
C ALA B 341 -17.37 5.95 29.04
N ALA B 342 -17.61 5.46 30.25
CA ALA B 342 -18.97 5.35 30.87
C ALA B 342 -19.35 6.64 31.60
N TYR B 343 -20.44 7.27 31.19
CA TYR B 343 -20.94 8.50 31.83
C TYR B 343 -22.43 8.37 31.98
N PRO B 344 -23.05 9.04 33.01
CA PRO B 344 -24.50 8.83 33.26
C PRO B 344 -25.35 9.64 32.29
N ASP B 345 -25.42 9.17 31.05
CA ASP B 345 -26.08 9.89 29.97
C ASP B 345 -27.58 9.88 30.20
N LEU B 346 -28.20 11.05 30.10
CA LEU B 346 -29.62 11.21 30.40
C LEU B 346 -30.36 11.54 29.11
N TRP B 347 -31.49 10.86 28.87
CA TRP B 347 -32.29 11.10 27.67
C TRP B 347 -33.73 11.36 28.01
N THR B 348 -34.20 12.54 27.64
CA THR B 348 -35.60 12.81 27.89
C THR B 348 -36.40 13.23 26.61
N GLY B 349 -36.16 12.51 25.50
CA GLY B 349 -36.92 12.75 24.28
C GLY B 349 -36.30 13.53 23.12
N GLU B 350 -35.22 14.23 23.39
CA GLU B 350 -34.57 15.10 22.41
C GLU B 350 -33.85 14.35 21.32
N ALA B 351 -33.39 15.09 20.31
CA ALA B 351 -32.82 14.50 19.11
C ALA B 351 -31.38 13.96 19.25
N VAL B 352 -30.62 14.49 20.20
CA VAL B 352 -29.23 14.21 20.39
C VAL B 352 -29.05 14.18 21.91
N VAL B 353 -28.47 13.10 22.43
CA VAL B 353 -28.14 13.00 23.83
C VAL B 353 -26.75 13.63 24.06
N GLU B 354 -26.66 14.59 24.99
CA GLU B 354 -25.46 15.36 25.16
C GLU B 354 -24.50 14.64 26.07
N ASP B 355 -23.31 14.29 25.56
CA ASP B 355 -22.35 13.57 26.41
C ASP B 355 -21.00 14.28 26.33
N PRO B 356 -20.92 15.50 26.89
CA PRO B 356 -19.74 16.35 26.63
C PRO B 356 -18.47 15.70 27.12
N GLU B 357 -18.55 15.06 28.28
CA GLU B 357 -17.41 14.42 28.89
C GLU B 357 -16.86 13.32 28.01
N ARG B 358 -17.77 12.65 27.29
CA ARG B 358 -17.31 11.52 26.44
C ARG B 358 -16.62 12.17 25.26
N VAL B 359 -17.15 13.32 24.85
CA VAL B 359 -16.59 14.02 23.69
C VAL B 359 -15.14 14.41 24.00
N ALA B 360 -14.90 15.03 25.15
CA ALA B 360 -13.53 15.39 25.51
C ALA B 360 -12.63 14.16 25.67
N TYR B 361 -13.12 13.09 26.31
CA TYR B 361 -12.38 11.88 26.45
C TYR B 361 -11.93 11.35 25.07
N LEU B 362 -12.87 11.19 24.13
CA LEU B 362 -12.51 10.66 22.79
C LEU B 362 -11.57 11.54 21.98
N GLU B 363 -11.84 12.85 21.88
CA GLU B 363 -10.91 13.82 21.30
C GLU B 363 -9.50 13.55 21.85
N ALA B 364 -9.34 13.48 23.16
CA ALA B 364 -8.00 13.55 23.69
C ALA B 364 -7.29 12.18 23.43
N HIS B 365 -8.07 11.10 23.49
CA HIS B 365 -7.51 9.74 23.37
C HIS B 365 -7.14 9.43 21.92
N VAL B 366 -8.00 9.81 20.97
CA VAL B 366 -7.65 9.70 19.57
C VAL B 366 -6.35 10.44 19.28
N GLU B 367 -6.19 11.66 19.83
CA GLU B 367 -4.96 12.40 19.54
C GLU B 367 -3.76 11.72 20.14
N ALA B 368 -3.86 11.23 21.37
CA ALA B 368 -2.71 10.57 22.00
C ALA B 368 -2.30 9.33 21.16
N ALA B 369 -3.31 8.69 20.58
CA ALA B 369 -3.04 7.47 19.84
C ALA B 369 -2.30 7.82 18.53
N LEU B 370 -2.84 8.78 17.80
CA LEU B 370 -2.29 9.21 16.49
C LEU B 370 -0.92 9.81 16.65
N ARG B 371 -0.71 10.45 17.79
CA ARG B 371 0.63 10.92 18.15
C ARG B 371 1.65 9.78 18.37
N ALA B 372 1.24 8.67 19.04
CA ALA B 372 2.13 7.54 19.21
C ALA B 372 2.54 6.98 17.82
N ARG B 373 1.56 6.93 16.95
CA ARG B 373 1.76 6.48 15.61
C ARG B 373 2.68 7.40 14.75
N GLU B 374 2.54 8.70 14.89
CA GLU B 374 3.50 9.63 14.27
C GLU B 374 4.92 9.30 14.66
N GLU B 375 5.11 8.92 15.92
CA GLU B 375 6.44 8.66 16.42
C GLU B 375 6.96 7.28 16.05
N GLY B 376 6.21 6.55 15.21
CA GLY B 376 6.73 5.29 14.69
C GLY B 376 6.13 4.03 15.33
N VAL B 377 5.07 4.18 16.16
CA VAL B 377 4.37 3.01 16.62
C VAL B 377 3.55 2.49 15.42
N ASP B 378 3.61 1.19 15.17
CA ASP B 378 2.93 0.59 14.04
C ASP B 378 1.51 0.31 14.54
N LEU B 379 0.72 1.38 14.61
CA LEU B 379 -0.64 1.33 15.07
C LEU B 379 -1.54 1.35 13.83
N ARG B 380 -2.37 0.33 13.64
CA ARG B 380 -3.08 0.23 12.37
C ARG B 380 -4.60 0.42 12.50
N GLY B 381 -5.10 0.81 13.69
CA GLY B 381 -6.54 0.97 13.91
C GLY B 381 -6.89 1.51 15.29
N TYR B 382 -8.12 2.01 15.40
CA TYR B 382 -8.69 2.55 16.63
C TYR B 382 -10.19 2.27 16.62
N PHE B 383 -10.64 1.55 17.64
CA PHE B 383 -12.01 1.10 17.79
C PHE B 383 -12.59 1.70 19.10
N VAL B 384 -13.65 2.51 18.99
CA VAL B 384 -14.37 3.03 20.15
C VAL B 384 -15.27 1.94 20.78
N TRP B 385 -15.11 1.76 22.08
CA TRP B 385 -16.01 0.97 22.90
C TRP B 385 -17.05 1.96 23.40
N SER B 386 -18.27 1.95 22.89
CA SER B 386 -18.84 0.94 22.05
C SER B 386 -19.77 1.66 21.06
N LEU B 387 -20.21 0.94 20.05
CA LEU B 387 -21.18 1.54 19.18
C LEU B 387 -22.45 2.06 19.92
N MET B 388 -23.04 1.24 20.77
CA MET B 388 -24.23 1.71 21.47
C MET B 388 -24.30 1.22 22.91
N ASP B 389 -25.08 1.91 23.76
CA ASP B 389 -25.20 1.42 25.11
C ASP B 389 -25.60 -0.05 25.08
N ASN B 390 -25.07 -0.81 26.01
CA ASN B 390 -25.31 -2.28 26.06
C ASN B 390 -25.31 -2.85 27.48
N PHE B 391 -25.35 -4.17 27.61
CA PHE B 391 -25.31 -4.81 28.93
C PHE B 391 -23.89 -4.75 29.48
N GLU B 392 -23.67 -3.88 30.45
CA GLU B 392 -22.35 -3.65 31.01
C GLU B 392 -21.99 -4.66 32.10
N TRP B 393 -21.87 -5.93 31.72
CA TRP B 393 -21.41 -6.96 32.67
C TRP B 393 -21.92 -6.79 34.08
N ALA B 394 -21.03 -6.80 35.06
CA ALA B 394 -21.45 -6.53 36.44
C ALA B 394 -22.14 -5.19 36.72
N PHE B 395 -22.00 -4.22 35.80
CA PHE B 395 -22.73 -2.96 35.92
C PHE B 395 -24.15 -3.03 35.32
N GLY B 396 -24.50 -4.12 34.63
CA GLY B 396 -25.87 -4.24 34.11
C GLY B 396 -26.15 -3.05 33.23
N TYR B 397 -27.33 -2.46 33.40
CA TYR B 397 -27.75 -1.35 32.55
C TYR B 397 -27.62 -0.07 33.38
N THR B 398 -26.67 -0.05 34.34
CA THR B 398 -26.49 1.15 35.14
C THR B 398 -25.43 2.16 34.64
N ARG B 399 -24.74 1.82 33.54
CA ARG B 399 -23.60 2.53 32.94
C ARG B 399 -23.88 2.48 31.43
N ARG B 400 -23.63 3.62 30.76
CA ARG B 400 -23.79 3.77 29.34
C ARG B 400 -22.43 4.11 28.67
N SER B 401 -22.07 3.37 27.60
CA SER B 401 -20.79 3.58 26.92
C SER B 401 -20.89 3.87 25.41
N GLY B 402 -22.09 3.84 24.85
CA GLY B 402 -22.23 3.94 23.42
C GLY B 402 -21.98 5.32 22.86
N LEU B 403 -21.66 5.36 21.58
CA LEU B 403 -21.83 6.59 20.82
C LEU B 403 -23.33 6.77 20.60
N TYR B 404 -24.09 5.69 20.58
CA TYR B 404 -25.55 5.80 20.53
C TYR B 404 -26.14 5.38 21.87
N TYR B 405 -26.95 6.26 22.41
CA TYR B 405 -27.89 5.96 23.46
C TYR B 405 -28.94 4.96 23.03
N VAL B 406 -29.17 3.98 23.92
CA VAL B 406 -30.24 3.00 23.70
C VAL B 406 -31.31 3.04 24.77
N ASP B 407 -32.54 3.24 24.32
CA ASP B 407 -33.70 3.16 25.19
C ASP B 407 -34.10 1.70 25.25
N PHE B 408 -33.70 1.02 26.33
CA PHE B 408 -33.71 -0.46 26.33
C PHE B 408 -35.08 -1.12 26.12
N PRO B 409 -36.17 -0.57 26.71
CA PRO B 409 -37.58 -1.04 26.49
C PRO B 409 -38.09 -0.88 25.08
N SER B 410 -37.81 0.23 24.40
CA SER B 410 -38.28 0.41 23.03
C SER B 410 -37.26 -0.05 21.98
N GLN B 411 -35.98 -0.15 22.38
CA GLN B 411 -34.81 -0.41 21.45
C GLN B 411 -34.47 0.71 20.51
N ARG B 412 -35.04 1.87 20.67
CA ARG B 412 -34.67 3.00 19.83
C ARG B 412 -33.24 3.46 20.14
N ARG B 413 -32.52 3.81 19.08
CA ARG B 413 -31.14 4.35 19.18
C ARG B 413 -31.16 5.86 18.89
N ILE B 414 -30.56 6.64 19.74
CA ILE B 414 -30.51 8.11 19.59
C ILE B 414 -29.05 8.51 19.64
N PRO B 415 -28.56 9.23 18.63
CA PRO B 415 -27.13 9.45 18.61
C PRO B 415 -26.77 10.39 19.76
N LYS B 416 -25.64 10.11 20.39
CA LYS B 416 -25.11 11.06 21.33
C LYS B 416 -24.29 12.13 20.56
N ARG B 417 -23.93 13.22 21.26
CA ARG B 417 -22.98 14.23 20.74
C ARG B 417 -21.61 13.61 20.33
N SER B 418 -21.15 12.64 21.08
CA SER B 418 -19.94 11.92 20.72
C SER B 418 -20.03 11.18 19.36
N ALA B 419 -21.21 10.65 19.00
CA ALA B 419 -21.39 10.05 17.66
C ALA B 419 -21.19 11.09 16.52
N LEU B 420 -21.72 12.30 16.70
CA LEU B 420 -21.56 13.33 15.68
C LEU B 420 -20.09 13.65 15.60
N TRP B 421 -19.46 13.82 16.75
CA TRP B 421 -18.03 14.06 16.78
C TRP B 421 -17.18 12.97 16.07
N TYR B 422 -17.49 11.68 16.29
CA TYR B 422 -16.66 10.63 15.71
C TYR B 422 -16.84 10.60 14.18
N ARG B 423 -18.07 10.88 13.74
CA ARG B 423 -18.33 11.00 12.31
C ARG B 423 -17.43 12.10 11.72
N GLU B 424 -17.56 13.31 12.26
CA GLU B 424 -16.68 14.41 11.83
C GLU B 424 -15.16 14.01 11.90
N ARG B 425 -14.74 13.36 12.98
CA ARG B 425 -13.37 13.01 13.19
C ARG B 425 -12.75 12.03 12.14
N ILE B 426 -13.48 10.96 11.83
CA ILE B 426 -13.08 10.03 10.79
C ILE B 426 -13.00 10.79 9.48
N ALA B 427 -13.98 11.64 9.18
CA ALA B 427 -13.99 12.41 7.90
C ALA B 427 -12.77 13.33 7.70
N ARG B 428 -12.30 13.99 8.75
CA ARG B 428 -11.14 14.91 8.69
C ARG B 428 -9.79 14.19 8.42
N ALA C 5 18.84 30.76 -29.16
CA ALA C 5 17.62 30.84 -30.02
C ALA C 5 17.12 29.41 -30.39
N GLU C 6 16.32 28.81 -29.49
CA GLU C 6 15.61 27.54 -29.80
C GLU C 6 14.53 27.77 -30.86
N LYS C 7 14.25 26.75 -31.67
CA LYS C 7 13.49 26.98 -32.87
C LYS C 7 12.03 27.28 -32.50
N PHE C 8 11.32 28.00 -33.37
CA PHE C 8 9.88 28.15 -33.24
C PHE C 8 9.27 26.75 -33.37
N LEU C 9 8.36 26.38 -32.46
CA LEU C 9 7.77 25.06 -32.50
C LEU C 9 6.53 24.97 -33.39
N TRP C 10 6.69 24.41 -34.56
CA TRP C 10 5.56 24.13 -35.44
C TRP C 10 5.02 22.78 -35.06
N GLY C 11 3.77 22.72 -34.54
CA GLY C 11 3.23 21.50 -33.93
C GLY C 11 1.80 21.16 -34.25
N VAL C 12 1.36 20.02 -33.77
CA VAL C 12 -0.03 19.61 -33.87
C VAL C 12 -0.41 19.14 -32.47
N ALA C 13 -1.71 19.06 -32.20
CA ALA C 13 -2.18 18.70 -30.87
C ALA C 13 -3.32 17.69 -30.91
N THR C 14 -3.35 16.85 -29.85
CA THR C 14 -4.42 15.92 -29.54
C THR C 14 -4.67 15.78 -28.00
N SER C 15 -5.55 14.85 -27.60
CA SER C 15 -5.70 14.50 -26.19
C SER C 15 -6.01 13.03 -26.04
N ALA C 16 -5.72 12.45 -24.89
CA ALA C 16 -5.73 11.02 -24.70
C ALA C 16 -7.11 10.42 -24.88
N TYR C 17 -8.14 10.94 -24.21
CA TYR C 17 -9.44 10.30 -24.36
C TYR C 17 -10.01 10.45 -25.77
N GLN C 18 -9.56 11.48 -26.50
CA GLN C 18 -10.12 11.80 -27.86
C GLN C 18 -9.55 10.94 -28.98
N ILE C 19 -8.41 10.29 -28.73
CA ILE C 19 -7.79 9.56 -29.83
C ILE C 19 -7.42 8.15 -29.50
N GLU C 20 -7.29 7.80 -28.22
CA GLU C 20 -6.54 6.57 -27.85
C GLU C 20 -7.27 5.25 -28.10
N GLY C 21 -8.57 5.20 -27.76
CA GLY C 21 -9.31 3.93 -27.73
C GLY C 21 -8.70 3.14 -26.58
N ALA C 22 -8.88 1.82 -26.61
CA ALA C 22 -8.33 0.93 -25.62
C ALA C 22 -8.75 1.38 -24.20
N THR C 23 -10.03 1.75 -24.08
CA THR C 23 -10.51 2.34 -22.85
C THR C 23 -10.46 1.31 -21.74
N GLN C 24 -10.38 0.03 -22.11
CA GLN C 24 -10.41 -1.08 -21.14
C GLN C 24 -9.30 -2.11 -21.29
N GLU C 25 -8.26 -1.75 -22.03
CA GLU C 25 -7.13 -2.61 -22.26
C GLU C 25 -6.07 -2.26 -21.23
N ASP C 26 -5.22 -3.24 -20.90
CA ASP C 26 -3.97 -2.96 -20.19
C ASP C 26 -4.12 -2.20 -18.89
N GLY C 27 -5.15 -2.53 -18.11
CA GLY C 27 -5.28 -2.00 -16.79
C GLY C 27 -5.93 -0.62 -16.69
N ARG C 28 -6.30 0.06 -17.78
CA ARG C 28 -6.81 1.41 -17.64
C ARG C 28 -8.13 1.41 -16.83
N GLY C 29 -8.24 2.32 -15.87
CA GLY C 29 -9.47 2.51 -15.10
C GLY C 29 -10.41 3.46 -15.82
N PRO C 30 -11.71 3.41 -15.47
CA PRO C 30 -12.69 4.32 -16.08
C PRO C 30 -12.49 5.79 -15.73
N SER C 31 -12.77 6.67 -16.69
CA SER C 31 -12.74 8.09 -16.44
C SER C 31 -14.18 8.64 -16.31
N ILE C 32 -14.33 9.93 -16.04
CA ILE C 32 -15.66 10.55 -15.94
C ILE C 32 -16.27 10.62 -17.31
N TRP C 33 -15.41 10.66 -18.33
CA TRP C 33 -15.93 10.62 -19.70
C TRP C 33 -16.53 9.25 -20.13
N ASP C 34 -15.93 8.13 -19.66
CA ASP C 34 -16.48 6.80 -19.95
C ASP C 34 -17.93 6.71 -19.39
N ALA C 35 -18.14 7.12 -18.14
CA ALA C 35 -19.47 7.13 -17.50
C ALA C 35 -20.46 8.08 -18.17
N PHE C 36 -19.99 9.32 -18.41
CA PHE C 36 -20.78 10.38 -19.03
C PHE C 36 -21.32 9.98 -20.39
N ALA C 37 -20.49 9.34 -21.21
CA ALA C 37 -20.88 8.90 -22.55
C ALA C 37 -21.89 7.76 -22.55
N GLN C 38 -22.10 7.13 -21.39
CA GLN C 38 -23.15 6.12 -21.22
C GLN C 38 -24.54 6.75 -21.13
N ARG C 39 -24.61 7.92 -20.49
CA ARG C 39 -25.88 8.65 -20.31
C ARG C 39 -26.52 9.11 -21.63
N PRO C 40 -27.72 8.59 -21.97
CA PRO C 40 -28.43 9.05 -23.17
C PRO C 40 -28.61 10.57 -23.18
N GLY C 41 -28.19 11.22 -24.26
CA GLY C 41 -28.34 12.66 -24.40
C GLY C 41 -27.04 13.41 -24.13
N ALA C 42 -26.13 12.79 -23.41
CA ALA C 42 -24.85 13.39 -23.13
C ALA C 42 -24.01 13.62 -24.39
N ILE C 43 -23.85 12.57 -25.19
CA ILE C 43 -23.06 12.73 -26.40
C ILE C 43 -24.02 12.68 -27.54
N ARG C 44 -23.84 13.61 -28.44
CA ARG C 44 -24.89 13.92 -29.38
C ARG C 44 -25.19 12.95 -30.54
N ASP C 45 -24.27 12.05 -30.84
CA ASP C 45 -24.49 10.93 -31.77
C ASP C 45 -24.53 9.63 -30.99
N GLY C 46 -24.70 9.71 -29.67
CA GLY C 46 -24.60 8.54 -28.78
C GLY C 46 -23.34 7.67 -28.87
N SER C 47 -22.21 8.29 -29.19
CA SER C 47 -20.97 7.57 -29.36
C SER C 47 -20.13 7.70 -28.09
N THR C 48 -19.01 6.98 -28.01
CA THR C 48 -18.03 7.12 -26.91
C THR C 48 -16.65 7.23 -27.49
N GLY C 49 -15.65 7.42 -26.62
CA GLY C 49 -14.27 7.54 -27.06
C GLY C 49 -13.81 6.28 -27.77
N GLU C 50 -14.00 5.14 -27.12
CA GLU C 50 -13.63 3.87 -27.70
C GLU C 50 -14.52 3.57 -28.91
N PRO C 51 -13.89 3.22 -30.03
CA PRO C 51 -12.44 3.08 -30.08
C PRO C 51 -11.64 4.36 -30.55
N ALA C 52 -12.34 5.49 -30.75
CA ALA C 52 -11.70 6.76 -31.16
C ALA C 52 -10.80 6.56 -32.38
N CYS C 53 -9.52 6.94 -32.26
CA CYS C 53 -8.59 6.77 -33.38
C CYS C 53 -7.70 5.57 -33.26
N ASP C 54 -8.04 4.64 -32.37
CA ASP C 54 -7.22 3.45 -32.12
C ASP C 54 -5.71 3.81 -31.98
N HIS C 55 -5.43 4.99 -31.39
CA HIS C 55 -4.07 5.54 -31.35
C HIS C 55 -3.17 4.75 -30.42
N TYR C 56 -3.80 4.14 -29.42
CA TYR C 56 -3.02 3.35 -28.47
C TYR C 56 -2.25 2.31 -29.25
N ARG C 57 -2.90 1.66 -30.25
CA ARG C 57 -2.27 0.60 -31.08
C ARG C 57 -1.48 1.16 -32.23
N ARG C 58 -1.93 2.29 -32.79
CA ARG C 58 -1.38 2.84 -34.04
C ARG C 58 -0.48 4.05 -33.83
N TYR C 59 0.11 4.21 -32.65
CA TYR C 59 0.84 5.46 -32.39
C TYR C 59 2.08 5.58 -33.27
N GLU C 60 2.70 4.43 -33.59
CA GLU C 60 3.83 4.39 -34.48
C GLU C 60 3.50 4.95 -35.84
N GLU C 61 2.38 4.51 -36.42
CA GLU C 61 1.90 5.02 -37.71
C GLU C 61 1.62 6.52 -37.63
N ASP C 62 1.12 7.01 -36.50
CA ASP C 62 0.72 8.42 -36.39
C ASP C 62 1.91 9.35 -36.26
N ILE C 63 2.90 8.88 -35.54
CA ILE C 63 4.16 9.59 -35.42
C ILE C 63 4.84 9.68 -36.77
N ALA C 64 4.81 8.58 -37.55
CA ALA C 64 5.31 8.60 -38.94
C ALA C 64 4.62 9.67 -39.78
N LEU C 65 3.30 9.78 -39.69
CA LEU C 65 2.56 10.89 -40.30
C LEU C 65 3.08 12.27 -39.96
N MET C 66 3.26 12.54 -38.68
CA MET C 66 3.77 13.86 -38.25
C MET C 66 5.15 14.07 -38.88
N GLN C 67 5.96 13.02 -38.90
CA GLN C 67 7.31 13.17 -39.38
C GLN C 67 7.29 13.61 -40.83
N SER C 68 6.43 13.01 -41.65
CA SER C 68 6.45 13.34 -43.08
C SER C 68 5.97 14.75 -43.32
N LEU C 69 5.09 15.23 -42.45
CA LEU C 69 4.69 16.64 -42.48
C LEU C 69 5.82 17.62 -42.11
N GLY C 70 6.88 17.14 -41.45
CA GLY C 70 7.95 18.06 -41.02
C GLY C 70 7.61 18.86 -39.76
N VAL C 71 6.57 18.41 -39.06
CA VAL C 71 6.18 18.89 -37.75
C VAL C 71 7.29 18.69 -36.70
N ARG C 72 7.54 19.72 -35.88
CA ARG C 72 8.64 19.72 -34.95
C ARG C 72 8.23 19.50 -33.47
N ALA C 73 6.94 19.59 -33.16
CA ALA C 73 6.41 19.35 -31.82
C ALA C 73 5.05 18.61 -31.81
N TYR C 74 4.85 17.78 -30.81
CA TYR C 74 3.62 17.06 -30.67
C TYR C 74 3.03 17.35 -29.29
N ARG C 75 1.92 18.06 -29.29
CA ARG C 75 1.18 18.30 -28.05
C ARG C 75 0.20 17.13 -27.79
N PHE C 76 0.35 16.44 -26.66
CA PHE C 76 -0.54 15.33 -26.31
C PHE C 76 -0.82 15.31 -24.78
N SER C 77 -1.81 14.50 -24.35
CA SER C 77 -2.07 14.34 -22.92
C SER C 77 -1.86 12.90 -22.54
N VAL C 78 -1.70 12.70 -21.24
CA VAL C 78 -1.44 11.41 -20.64
C VAL C 78 -2.76 11.13 -20.00
N ALA C 79 -3.18 9.87 -20.03
CA ALA C 79 -4.47 9.56 -19.43
C ALA C 79 -4.27 9.12 -18.00
N TRP C 80 -4.59 9.99 -17.06
CA TRP C 80 -4.49 9.72 -15.64
C TRP C 80 -5.01 8.35 -15.25
N PRO C 81 -6.15 7.92 -15.86
CA PRO C 81 -6.66 6.64 -15.39
C PRO C 81 -5.89 5.48 -15.98
N ARG C 82 -5.09 5.71 -17.01
CA ARG C 82 -4.09 4.67 -17.37
C ARG C 82 -2.92 4.54 -16.37
N ILE C 83 -2.56 5.61 -15.67
CA ILE C 83 -1.43 5.56 -14.74
C ILE C 83 -1.84 5.14 -13.33
N LEU C 84 -2.94 5.72 -12.83
CA LEU C 84 -3.52 5.35 -11.53
C LEU C 84 -5.00 5.00 -11.73
N PRO C 85 -5.27 3.72 -12.03
CA PRO C 85 -6.63 3.33 -12.43
C PRO C 85 -7.64 3.82 -11.42
N GLU C 86 -7.26 3.90 -10.15
CA GLU C 86 -8.14 4.35 -9.06
C GLU C 86 -7.92 5.83 -8.70
N GLY C 87 -7.12 6.55 -9.49
CA GLY C 87 -6.87 7.93 -9.21
C GLY C 87 -5.76 8.17 -8.21
N ARG C 88 -5.62 7.27 -7.24
CA ARG C 88 -4.65 7.43 -6.18
C ARG C 88 -4.15 6.05 -5.79
N GLY C 89 -2.94 5.98 -5.24
CA GLY C 89 -2.44 4.73 -4.67
C GLY C 89 -1.72 3.92 -5.72
N ARG C 90 -2.34 2.83 -6.17
CA ARG C 90 -1.62 1.94 -7.09
C ARG C 90 -1.32 2.53 -8.49
N ILE C 91 -0.14 2.19 -8.99
CA ILE C 91 0.33 2.65 -10.26
C ILE C 91 0.27 1.53 -11.28
N ASN C 92 -0.16 1.79 -12.49
CA ASN C 92 -0.24 0.73 -13.49
C ASN C 92 1.00 0.82 -14.44
N PRO C 93 1.91 -0.14 -14.37
CA PRO C 93 3.16 -0.04 -15.14
C PRO C 93 2.93 0.00 -16.62
N LYS C 94 1.89 -0.68 -17.09
CA LYS C 94 1.54 -0.68 -18.51
C LYS C 94 1.17 0.69 -19.01
N GLY C 95 0.63 1.56 -18.15
CA GLY C 95 0.26 2.89 -18.55
C GLY C 95 1.46 3.74 -18.84
N LEU C 96 2.40 3.77 -17.90
CA LEU C 96 3.63 4.51 -18.02
C LEU C 96 4.51 3.92 -19.09
N ALA C 97 4.49 2.59 -19.25
CA ALA C 97 5.18 1.95 -20.38
C ALA C 97 4.67 2.46 -21.73
N PHE C 98 3.39 2.71 -21.88
CA PHE C 98 2.97 3.18 -23.20
C PHE C 98 3.51 4.60 -23.46
N TYR C 99 3.46 5.50 -22.46
CA TYR C 99 3.86 6.88 -22.75
C TYR C 99 5.35 6.97 -22.91
N ASP C 100 6.06 6.13 -22.16
CA ASP C 100 7.50 5.98 -22.31
C ASP C 100 7.91 5.58 -23.74
N ARG C 101 7.24 4.56 -24.31
CA ARG C 101 7.48 4.14 -25.70
C ARG C 101 7.08 5.27 -26.68
N LEU C 102 6.00 5.99 -26.39
CA LEU C 102 5.55 7.08 -27.26
C LEU C 102 6.63 8.18 -27.35
N VAL C 103 7.10 8.61 -26.19
CA VAL C 103 8.17 9.59 -26.09
C VAL C 103 9.48 9.16 -26.78
N ASP C 104 9.95 7.92 -26.56
CA ASP C 104 11.11 7.42 -27.34
C ASP C 104 10.88 7.58 -28.83
N ARG C 105 9.67 7.29 -29.28
CA ARG C 105 9.46 7.33 -30.71
C ARG C 105 9.32 8.74 -31.27
N LEU C 106 8.82 9.67 -30.47
CA LEU C 106 8.82 11.09 -30.86
C LEU C 106 10.22 11.62 -31.06
N LEU C 107 11.10 11.30 -30.12
CA LEU C 107 12.45 11.79 -30.16
C LEU C 107 13.23 11.18 -31.31
N ALA C 108 12.95 9.89 -31.59
CA ALA C 108 13.64 9.14 -32.66
C ALA C 108 13.29 9.82 -33.96
N SER C 109 12.15 10.50 -33.97
CA SER C 109 11.63 11.12 -35.18
C SER C 109 11.82 12.63 -35.24
N GLY C 110 12.68 13.18 -34.39
CA GLY C 110 12.97 14.59 -34.43
C GLY C 110 11.88 15.51 -33.93
N ILE C 111 10.84 14.94 -33.28
CA ILE C 111 9.70 15.70 -32.74
C ILE C 111 9.84 15.97 -31.22
N THR C 112 9.63 17.23 -30.82
CA THR C 112 9.57 17.63 -29.40
C THR C 112 8.23 17.31 -28.67
N PRO C 113 8.28 16.53 -27.58
CA PRO C 113 7.12 16.22 -26.76
C PRO C 113 6.61 17.42 -25.96
N PHE C 114 5.30 17.65 -25.94
CA PHE C 114 4.74 18.79 -25.23
C PHE C 114 3.51 18.23 -24.51
N LEU C 115 3.70 17.91 -23.23
CA LEU C 115 2.81 17.00 -22.56
C LEU C 115 1.74 17.71 -21.72
N THR C 116 0.48 17.26 -21.85
CA THR C 116 -0.61 17.77 -21.01
C THR C 116 -0.92 16.69 -19.97
N LEU C 117 -0.87 17.07 -18.69
CA LEU C 117 -1.15 16.16 -17.59
C LEU C 117 -2.65 15.86 -17.42
N TYR C 118 -3.47 16.94 -17.43
CA TYR C 118 -4.90 16.77 -17.27
C TYR C 118 -5.65 17.36 -18.38
N HIS C 119 -6.16 16.51 -19.25
CA HIS C 119 -7.08 16.93 -20.30
C HIS C 119 -8.50 16.30 -20.14
N TRP C 120 -9.10 16.42 -18.96
CA TRP C 120 -10.56 16.21 -18.69
C TRP C 120 -10.97 14.79 -18.27
N ASP C 121 -10.07 13.83 -18.45
CA ASP C 121 -10.38 12.46 -18.20
C ASP C 121 -10.13 12.01 -16.74
N LEU C 122 -10.80 12.65 -15.79
CA LEU C 122 -10.56 12.36 -14.36
C LEU C 122 -10.96 10.93 -14.04
N PRO C 123 -10.12 10.17 -13.33
CA PRO C 123 -10.52 8.82 -12.88
C PRO C 123 -11.88 8.79 -12.16
N LEU C 124 -12.76 7.93 -12.62
CA LEU C 124 -14.07 7.81 -12.00
C LEU C 124 -14.03 7.55 -10.49
N ALA C 125 -13.08 6.74 -10.03
CA ALA C 125 -13.01 6.46 -8.60
C ALA C 125 -12.89 7.76 -7.77
N LEU C 126 -12.22 8.78 -8.31
CA LEU C 126 -12.11 10.10 -7.70
C LEU C 126 -13.43 10.84 -7.74
N GLU C 127 -14.12 10.77 -8.87
CA GLU C 127 -15.40 11.42 -9.00
C GLU C 127 -16.40 10.97 -7.90
N GLU C 128 -16.46 9.66 -7.63
CA GLU C 128 -17.39 9.15 -6.61
C GLU C 128 -17.03 9.61 -5.21
N ARG C 129 -15.87 10.21 -5.06
CA ARG C 129 -15.48 10.73 -3.77
C ARG C 129 -15.56 12.25 -3.72
N GLY C 130 -16.29 12.85 -4.67
CA GLY C 130 -16.41 14.30 -4.76
C GLY C 130 -15.74 14.93 -5.97
N GLY C 131 -14.96 14.16 -6.74
CA GLY C 131 -14.24 14.67 -7.93
C GLY C 131 -13.56 16.01 -7.70
N TRP C 132 -13.68 16.92 -8.67
CA TRP C 132 -13.12 18.25 -8.50
C TRP C 132 -13.78 19.05 -7.38
N ARG C 133 -14.92 18.57 -6.87
CA ARG C 133 -15.58 19.24 -5.71
C ARG C 133 -14.83 19.04 -4.38
N SER C 134 -13.97 18.03 -4.30
CA SER C 134 -13.28 17.77 -3.07
C SER C 134 -11.81 18.19 -3.12
N ARG C 135 -11.38 18.90 -2.08
CA ARG C 135 -10.00 19.34 -1.96
C ARG C 135 -8.96 18.21 -2.22
N GLU C 136 -9.21 17.00 -1.72
CA GLU C 136 -8.25 15.91 -1.85
C GLU C 136 -7.93 15.52 -3.32
N THR C 137 -8.86 15.78 -4.24
CA THR C 137 -8.64 15.49 -5.63
C THR C 137 -7.45 16.31 -6.13
N ALA C 138 -7.30 17.53 -5.61
CA ALA C 138 -6.15 18.35 -5.96
C ALA C 138 -4.83 17.70 -5.53
N PHE C 139 -4.82 17.08 -4.35
CA PHE C 139 -3.63 16.45 -3.86
C PHE C 139 -3.33 15.19 -4.65
N ALA C 140 -4.38 14.44 -5.03
CA ALA C 140 -4.22 13.25 -5.88
C ALA C 140 -3.60 13.62 -7.22
N PHE C 141 -4.08 14.74 -7.80
CA PHE C 141 -3.52 15.27 -9.04
C PHE C 141 -1.99 15.57 -8.93
N ALA C 142 -1.55 16.26 -7.87
CA ALA C 142 -0.11 16.53 -7.71
C ALA C 142 0.74 15.23 -7.65
N GLU C 143 0.23 14.23 -6.92
CA GLU C 143 0.88 12.90 -6.85
C GLU C 143 0.98 12.22 -8.21
N TYR C 144 -0.07 12.30 -8.98
CA TYR C 144 -0.07 11.83 -10.35
C TYR C 144 0.97 12.61 -11.21
N ALA C 145 0.95 13.94 -11.10
CA ALA C 145 1.94 14.78 -11.82
C ALA C 145 3.34 14.29 -11.54
N GLU C 146 3.62 14.06 -10.28
CA GLU C 146 4.96 13.68 -9.90
C GLU C 146 5.39 12.30 -10.49
N ALA C 147 4.51 11.32 -10.37
CA ALA C 147 4.79 10.04 -10.92
C ALA C 147 5.04 10.15 -12.46
N VAL C 148 4.30 10.99 -13.18
CA VAL C 148 4.59 11.15 -14.62
C VAL C 148 6.00 11.80 -14.86
N ALA C 149 6.27 12.87 -14.12
CA ALA C 149 7.55 13.55 -14.24
C ALA C 149 8.74 12.61 -13.91
N ARG C 150 8.66 11.86 -12.82
CA ARG C 150 9.71 10.86 -12.55
C ARG C 150 9.98 9.88 -13.69
N ALA C 151 8.95 9.53 -14.47
CA ALA C 151 9.10 8.66 -15.63
C ALA C 151 9.56 9.36 -16.95
N LEU C 152 9.15 10.61 -17.19
CA LEU C 152 9.24 11.22 -18.54
C LEU C 152 10.04 12.49 -18.62
N ALA C 153 10.22 13.19 -17.49
CA ALA C 153 10.95 14.49 -17.48
C ALA C 153 12.38 14.45 -18.04
N ASP C 154 13.04 13.27 -18.02
CA ASP C 154 14.33 13.14 -18.67
C ASP C 154 14.26 13.35 -20.22
N ARG C 155 13.10 13.16 -20.85
CA ARG C 155 13.04 13.36 -22.29
C ARG C 155 11.97 14.36 -22.71
N VAL C 156 10.98 14.62 -21.85
CA VAL C 156 9.90 15.58 -22.17
C VAL C 156 10.22 16.97 -21.59
N PRO C 157 10.49 17.95 -22.47
CA PRO C 157 10.90 19.27 -21.94
C PRO C 157 9.72 20.05 -21.35
N PHE C 158 8.53 19.87 -21.90
CA PHE C 158 7.38 20.72 -21.57
C PHE C 158 6.26 19.90 -20.95
N PHE C 159 5.84 20.32 -19.76
CA PHE C 159 4.68 19.78 -19.05
C PHE C 159 3.70 20.92 -18.80
N ALA C 160 2.44 20.77 -19.25
CA ALA C 160 1.34 21.65 -18.82
C ALA C 160 0.48 20.89 -17.80
N THR C 161 0.07 21.54 -16.70
CA THR C 161 -0.73 20.86 -15.65
C THR C 161 -2.19 20.60 -16.14
N LEU C 162 -2.98 21.67 -16.35
CA LEU C 162 -4.35 21.56 -16.86
C LEU C 162 -4.59 22.02 -18.30
N ASN C 163 -5.51 21.34 -18.98
CA ASN C 163 -6.06 21.90 -20.21
C ASN C 163 -7.44 22.52 -19.98
N GLU C 164 -7.61 23.80 -20.33
CA GLU C 164 -8.92 24.48 -20.32
C GLU C 164 -9.75 24.23 -19.06
N PRO C 165 -9.24 24.66 -17.92
CA PRO C 165 -9.94 24.39 -16.67
C PRO C 165 -11.35 25.04 -16.61
N TRP C 166 -11.53 26.12 -17.37
CA TRP C 166 -12.83 26.76 -17.47
C TRP C 166 -13.91 25.76 -17.87
N CYS C 167 -13.57 24.90 -18.84
CA CYS C 167 -14.47 23.86 -19.32
C CYS C 167 -14.71 22.83 -18.20
N SER C 168 -13.62 22.35 -17.61
CA SER C 168 -13.74 21.36 -16.57
C SER C 168 -14.67 21.86 -15.44
N ALA C 169 -14.57 23.12 -15.06
CA ALA C 169 -15.35 23.63 -13.96
C ALA C 169 -16.79 23.90 -14.40
N PHE C 170 -16.95 24.80 -15.37
CA PHE C 170 -18.25 25.35 -15.69
C PHE C 170 -19.12 24.55 -16.65
N LEU C 171 -18.50 23.98 -17.70
CA LEU C 171 -19.24 23.04 -18.57
C LEU C 171 -19.37 21.66 -17.96
N GLY C 172 -18.48 21.35 -17.02
CA GLY C 172 -18.52 20.10 -16.31
C GLY C 172 -19.53 20.12 -15.16
N HIS C 173 -19.57 21.24 -14.43
CA HIS C 173 -20.31 21.30 -13.18
C HIS C 173 -21.40 22.37 -13.13
N TRP C 174 -21.56 23.17 -14.21
CA TRP C 174 -22.59 24.21 -14.17
C TRP C 174 -23.63 24.11 -15.29
N THR C 175 -23.19 24.03 -16.54
CA THR C 175 -24.13 23.82 -17.64
C THR C 175 -24.34 22.33 -17.94
N GLY C 176 -23.58 21.45 -17.27
CA GLY C 176 -23.80 20.02 -17.39
C GLY C 176 -23.48 19.40 -18.74
N GLU C 177 -23.05 20.21 -19.72
CA GLU C 177 -22.68 19.69 -21.06
C GLU C 177 -21.43 18.81 -21.14
N HIS C 178 -20.55 18.84 -20.12
CA HIS C 178 -19.33 18.02 -20.09
C HIS C 178 -19.35 17.20 -18.84
N ALA C 179 -18.52 16.15 -18.80
CA ALA C 179 -18.46 15.28 -17.63
C ALA C 179 -18.02 16.05 -16.40
N PRO C 180 -18.46 15.61 -15.23
CA PRO C 180 -19.33 14.44 -15.15
C PRO C 180 -20.72 14.71 -15.74
N GLY C 181 -21.26 15.89 -15.46
CA GLY C 181 -22.56 16.27 -15.97
C GLY C 181 -23.42 16.95 -14.92
N LEU C 182 -22.78 17.75 -14.08
CA LEU C 182 -23.50 18.47 -13.00
C LEU C 182 -23.90 19.93 -13.33
N ARG C 183 -24.93 20.42 -12.63
CA ARG C 183 -25.46 21.75 -12.86
C ARG C 183 -25.67 22.54 -11.56
N ASN C 184 -24.62 23.10 -10.99
CA ASN C 184 -24.70 23.73 -9.68
C ASN C 184 -23.49 24.66 -9.49
N LEU C 185 -23.78 25.95 -9.33
CA LEU C 185 -22.75 26.98 -9.29
C LEU C 185 -21.80 26.80 -8.12
N GLU C 186 -22.36 26.52 -6.95
CA GLU C 186 -21.58 26.14 -5.79
C GLU C 186 -20.51 25.06 -6.15
N ALA C 187 -20.98 24.00 -6.82
CA ALA C 187 -20.13 22.88 -7.13
C ALA C 187 -19.13 23.34 -8.17
N ALA C 188 -19.57 24.12 -9.16
CA ALA C 188 -18.65 24.60 -10.20
C ALA C 188 -17.55 25.51 -9.65
N LEU C 189 -17.86 26.33 -8.66
CA LEU C 189 -16.85 27.22 -8.10
C LEU C 189 -15.93 26.44 -7.17
N ARG C 190 -16.45 25.40 -6.53
CA ARG C 190 -15.62 24.47 -5.79
C ARG C 190 -14.64 23.76 -6.78
N ALA C 191 -15.13 23.29 -7.91
CA ALA C 191 -14.31 22.63 -8.91
C ALA C 191 -13.20 23.56 -9.44
N ALA C 192 -13.55 24.81 -9.72
CA ALA C 192 -12.59 25.74 -10.30
C ALA C 192 -11.49 26.00 -9.28
N HIS C 193 -11.86 26.17 -8.02
CA HIS C 193 -10.84 26.43 -7.01
C HIS C 193 -9.92 25.25 -6.76
N HIS C 194 -10.45 24.01 -6.85
CA HIS C 194 -9.63 22.80 -6.69
C HIS C 194 -8.80 22.53 -7.93
N LEU C 195 -9.31 22.91 -9.10
CA LEU C 195 -8.51 22.88 -10.33
C LEU C 195 -7.28 23.75 -10.19
N LEU C 196 -7.50 24.96 -9.70
CA LEU C 196 -6.42 25.90 -9.55
C LEU C 196 -5.48 25.43 -8.47
N LEU C 197 -6.03 24.87 -7.39
CA LEU C 197 -5.16 24.40 -6.30
C LEU C 197 -4.27 23.21 -6.72
N GLY C 198 -4.88 22.25 -7.44
CA GLY C 198 -4.15 21.14 -8.08
C GLY C 198 -3.07 21.63 -9.07
N HIS C 199 -3.36 22.68 -9.83
CA HIS C 199 -2.30 23.32 -10.66
C HIS C 199 -1.09 23.73 -9.77
N GLY C 200 -1.37 24.47 -8.71
CA GLY C 200 -0.31 24.94 -7.79
C GLY C 200 0.47 23.76 -7.19
N LEU C 201 -0.24 22.78 -6.63
CA LEU C 201 0.42 21.58 -6.11
C LEU C 201 1.22 20.89 -7.19
N ALA C 202 0.65 20.71 -8.40
CA ALA C 202 1.36 19.98 -9.44
C ALA C 202 2.59 20.71 -9.87
N VAL C 203 2.53 22.04 -9.95
CA VAL C 203 3.70 22.80 -10.32
C VAL C 203 4.84 22.46 -9.37
N GLU C 204 4.56 22.47 -8.06
CA GLU C 204 5.60 22.11 -7.08
C GLU C 204 6.13 20.67 -7.27
N ALA C 205 5.21 19.70 -7.38
CA ALA C 205 5.59 18.32 -7.66
C ALA C 205 6.42 18.20 -8.96
N LEU C 206 6.04 18.91 -10.02
CA LEU C 206 6.80 18.93 -11.28
C LEU C 206 8.23 19.50 -11.12
N ARG C 207 8.41 20.60 -10.37
CA ARG C 207 9.76 21.17 -10.18
C ARG C 207 10.59 20.22 -9.35
N ALA C 208 10.00 19.68 -8.29
CA ALA C 208 10.72 18.67 -7.45
C ALA C 208 11.18 17.48 -8.25
N ALA C 209 10.44 17.10 -9.32
CA ALA C 209 10.81 15.99 -10.14
C ALA C 209 11.66 16.36 -11.39
N GLY C 210 12.08 17.61 -11.52
CA GLY C 210 13.01 17.97 -12.59
C GLY C 210 12.39 18.36 -13.94
N ALA C 211 11.08 18.59 -13.98
CA ALA C 211 10.46 19.02 -15.22
C ALA C 211 11.06 20.36 -15.65
N ARG C 212 11.58 20.43 -16.87
CA ARG C 212 12.29 21.62 -17.33
C ARG C 212 11.38 22.84 -17.50
N ARG C 213 10.25 22.69 -18.19
CA ARG C 213 9.35 23.78 -18.45
C ARG C 213 7.96 23.38 -18.08
N VAL C 214 7.34 24.20 -17.26
CA VAL C 214 6.09 23.89 -16.60
C VAL C 214 5.14 25.06 -16.86
N GLY C 215 3.97 24.74 -17.39
CA GLY C 215 2.96 25.75 -17.72
C GLY C 215 1.53 25.21 -17.56
N ILE C 216 0.59 25.98 -18.09
CA ILE C 216 -0.83 25.67 -18.07
C ILE C 216 -1.40 26.07 -19.41
N VAL C 217 -2.49 25.44 -19.79
CA VAL C 217 -3.10 25.72 -21.11
C VAL C 217 -4.54 26.20 -20.84
N LEU C 218 -4.85 27.43 -21.19
CA LEU C 218 -6.13 28.06 -20.92
C LEU C 218 -6.86 28.41 -22.25
N ASN C 219 -8.19 28.38 -22.23
CA ASN C 219 -8.99 28.76 -23.38
C ASN C 219 -9.41 30.24 -23.28
N PHE C 220 -9.29 30.96 -24.40
CA PHE C 220 -9.66 32.34 -24.46
C PHE C 220 -10.67 32.59 -25.55
N ALA C 221 -11.75 33.26 -25.14
CA ALA C 221 -12.83 33.59 -26.03
C ALA C 221 -13.05 35.07 -25.80
N PRO C 222 -12.36 35.89 -26.59
CA PRO C 222 -12.50 37.35 -26.59
C PRO C 222 -13.99 37.74 -26.79
N ALA C 223 -14.53 38.61 -25.91
CA ALA C 223 -15.95 38.95 -25.97
C ALA C 223 -16.14 40.33 -26.62
N TYR C 224 -17.08 40.43 -27.58
CA TYR C 224 -17.48 41.71 -28.22
C TYR C 224 -19.00 41.92 -28.06
N GLY C 225 -19.43 43.18 -28.04
CA GLY C 225 -20.86 43.53 -27.91
C GLY C 225 -21.11 45.03 -27.82
N GLU C 226 -22.37 45.42 -27.61
CA GLU C 226 -22.72 46.84 -27.46
C GLU C 226 -22.48 47.35 -26.04
N ASP C 227 -22.94 46.58 -25.04
CA ASP C 227 -22.90 46.95 -23.64
C ASP C 227 -21.51 46.65 -23.08
N PRO C 228 -20.69 47.69 -22.86
CA PRO C 228 -19.33 47.49 -22.37
C PRO C 228 -19.30 46.63 -21.10
N GLU C 229 -20.22 46.88 -20.18
CA GLU C 229 -20.41 46.08 -18.97
C GLU C 229 -20.59 44.58 -19.28
N ALA C 230 -21.72 44.21 -19.88
CA ALA C 230 -21.94 42.83 -20.23
C ALA C 230 -20.69 42.13 -20.84
N VAL C 231 -19.91 42.88 -21.62
CA VAL C 231 -18.67 42.38 -22.20
C VAL C 231 -17.63 42.13 -21.10
N ASP C 232 -17.42 43.11 -20.23
CA ASP C 232 -16.47 42.97 -19.15
C ASP C 232 -16.82 41.75 -18.29
N VAL C 233 -18.11 41.56 -18.03
CA VAL C 233 -18.59 40.44 -17.22
C VAL C 233 -18.20 39.15 -17.90
N ALA C 234 -18.43 39.07 -19.22
CA ALA C 234 -18.07 37.90 -20.01
C ALA C 234 -16.56 37.67 -20.06
N ASP C 235 -15.79 38.75 -20.07
CA ASP C 235 -14.36 38.69 -20.10
C ASP C 235 -13.81 38.16 -18.79
N ARG C 236 -14.42 38.55 -17.67
CA ARG C 236 -14.07 38.01 -16.35
C ARG C 236 -14.38 36.51 -16.15
N TYR C 237 -15.52 36.07 -16.65
CA TYR C 237 -15.97 34.72 -16.59
C TYR C 237 -15.10 33.80 -17.43
N HIS C 238 -14.79 34.24 -18.64
CA HIS C 238 -14.17 33.34 -19.61
C HIS C 238 -12.68 33.46 -19.73
N ASN C 239 -12.15 34.65 -19.51
CA ASN C 239 -10.78 34.87 -19.85
C ASN C 239 -9.94 35.17 -18.66
N ARG C 240 -10.56 35.56 -17.56
CA ARG C 240 -9.79 36.03 -16.44
C ARG C 240 -9.96 35.17 -15.21
N PHE C 241 -10.90 34.24 -15.26
CA PHE C 241 -11.21 33.52 -14.07
C PHE C 241 -10.05 32.64 -13.57
N PHE C 242 -9.29 32.07 -14.51
CA PHE C 242 -8.15 31.22 -14.23
C PHE C 242 -6.83 31.95 -14.36
N LEU C 243 -6.67 32.72 -15.42
CA LEU C 243 -5.44 33.50 -15.62
C LEU C 243 -5.03 34.43 -14.46
N ASP C 244 -6.00 35.15 -13.89
CA ASP C 244 -5.66 36.12 -12.88
C ASP C 244 -5.10 35.45 -11.60
N PRO C 245 -5.75 34.39 -11.10
CA PRO C 245 -5.09 33.69 -10.01
C PRO C 245 -3.66 33.19 -10.33
N ILE C 246 -3.44 32.64 -11.53
CA ILE C 246 -2.15 32.13 -12.01
C ILE C 246 -1.06 33.21 -11.94
N LEU C 247 -1.45 34.41 -12.38
CA LEU C 247 -0.61 35.61 -12.33
C LEU C 247 -0.51 36.24 -10.94
N GLY C 248 -1.15 35.68 -9.94
CA GLY C 248 -1.02 36.21 -8.58
C GLY C 248 -1.81 37.49 -8.37
N LYS C 249 -2.94 37.62 -9.06
CA LYS C 249 -3.78 38.83 -9.00
C LYS C 249 -5.10 38.59 -8.31
N GLY C 250 -5.31 37.37 -7.82
CA GLY C 250 -6.55 37.01 -7.16
C GLY C 250 -7.59 36.72 -8.22
N TYR C 251 -8.72 36.19 -7.80
CA TYR C 251 -9.80 36.02 -8.70
C TYR C 251 -10.24 37.41 -9.15
N PRO C 252 -10.64 37.54 -10.43
CA PRO C 252 -11.25 38.82 -10.79
C PRO C 252 -12.57 39.01 -10.08
N GLU C 253 -13.04 40.25 -10.00
CA GLU C 253 -14.35 40.56 -9.40
C GLU C 253 -15.40 39.59 -9.96
N SER C 254 -16.16 38.98 -9.04
CA SER C 254 -17.17 38.01 -9.40
C SER C 254 -18.06 38.48 -10.56
N PRO C 255 -18.24 37.65 -11.58
CA PRO C 255 -19.15 38.00 -12.66
C PRO C 255 -20.56 37.49 -12.39
N PHE C 256 -20.77 36.90 -11.20
CA PHE C 256 -22.03 36.27 -10.81
C PHE C 256 -22.89 37.14 -9.91
N ARG C 257 -24.17 37.28 -10.28
CA ARG C 257 -25.16 37.91 -9.40
C ARG C 257 -25.36 36.99 -8.20
N ASP C 258 -25.03 37.49 -7.02
CA ASP C 258 -25.03 36.69 -5.78
C ASP C 258 -24.10 35.44 -5.78
N PRO C 259 -22.83 35.62 -5.39
CA PRO C 259 -21.82 34.56 -5.47
C PRO C 259 -21.79 33.57 -4.27
N PRO C 260 -22.13 32.26 -4.51
CA PRO C 260 -21.91 31.20 -3.54
C PRO C 260 -20.53 31.27 -2.86
N PRO C 261 -20.46 30.93 -1.56
CA PRO C 261 -19.22 31.04 -0.81
C PRO C 261 -18.31 29.87 -1.15
N VAL C 262 -17.00 30.07 -1.02
CA VAL C 262 -16.09 29.00 -1.31
C VAL C 262 -14.99 28.85 -0.28
N PRO C 263 -14.89 27.65 0.34
CA PRO C 263 -13.70 27.28 1.12
C PRO C 263 -12.39 27.47 0.33
N ILE C 264 -11.82 28.67 0.51
CA ILE C 264 -10.44 29.05 0.18
C ILE C 264 -9.72 29.13 1.54
N LEU C 265 -8.92 28.12 1.88
CA LEU C 265 -8.07 28.19 3.07
C LEU C 265 -7.06 29.33 2.85
N SER C 266 -6.45 29.84 3.92
CA SER C 266 -5.57 31.00 3.72
C SER C 266 -4.25 30.50 3.11
N ARG C 267 -3.61 31.39 2.36
CA ARG C 267 -2.40 31.03 1.59
C ARG C 267 -2.64 30.08 0.42
N ASP C 268 -3.92 29.78 0.13
CA ASP C 268 -4.31 29.02 -1.06
C ASP C 268 -3.86 29.71 -2.37
N LEU C 269 -4.12 31.00 -2.48
CA LEU C 269 -3.81 31.73 -3.68
C LEU C 269 -2.31 31.89 -3.92
N GLU C 270 -1.53 31.94 -2.85
CA GLU C 270 -0.07 31.97 -3.04
C GLU C 270 0.44 30.63 -3.59
N LEU C 271 -0.27 29.54 -3.28
CA LEU C 271 0.02 28.22 -3.84
C LEU C 271 -0.35 28.16 -5.30
N VAL C 272 -1.53 28.65 -5.63
CA VAL C 272 -1.96 28.77 -7.01
C VAL C 272 -0.99 29.54 -7.91
N ALA C 273 -0.42 30.64 -7.40
CA ALA C 273 0.38 31.61 -8.16
C ALA C 273 1.87 31.27 -8.32
N ARG C 274 2.24 30.02 -8.53
CA ARG C 274 3.67 29.66 -8.70
C ARG C 274 4.22 30.23 -10.02
N PRO C 275 5.45 30.76 -10.03
CA PRO C 275 6.08 31.12 -11.33
C PRO C 275 6.04 29.95 -12.34
N LEU C 276 5.74 30.30 -13.58
CA LEU C 276 5.66 29.39 -14.72
C LEU C 276 6.71 29.75 -15.78
N ASP C 277 7.01 28.80 -16.67
CA ASP C 277 7.93 28.97 -17.81
C ASP C 277 7.22 29.29 -19.13
N PHE C 278 5.92 29.01 -19.21
CA PHE C 278 5.12 29.36 -20.38
C PHE C 278 3.64 29.38 -20.05
N LEU C 279 2.86 30.04 -20.89
CA LEU C 279 1.41 29.92 -20.90
C LEU C 279 0.97 29.39 -22.25
N GLY C 280 0.17 28.32 -22.24
CA GLY C 280 -0.48 27.79 -23.42
C GLY C 280 -1.80 28.50 -23.68
N VAL C 281 -1.95 28.99 -24.92
CA VAL C 281 -3.10 29.79 -25.39
C VAL C 281 -3.95 29.02 -26.40
N ASN C 282 -5.18 28.68 -26.02
CA ASN C 282 -6.09 27.98 -26.95
C ASN C 282 -7.08 28.98 -27.44
N TYR C 283 -7.17 29.09 -28.76
CA TYR C 283 -8.05 30.08 -29.38
C TYR C 283 -8.74 29.55 -30.63
N TYR C 284 -10.06 29.77 -30.67
CA TYR C 284 -10.82 29.34 -31.78
C TYR C 284 -11.69 30.45 -32.32
N ALA C 285 -12.38 31.14 -31.41
CA ALA C 285 -13.40 32.08 -31.77
C ALA C 285 -13.68 33.10 -30.65
N PRO C 286 -14.17 34.29 -31.04
CA PRO C 286 -14.76 35.30 -30.17
C PRO C 286 -16.18 34.94 -29.68
N VAL C 287 -16.72 35.69 -28.72
CA VAL C 287 -18.16 35.61 -28.43
C VAL C 287 -18.82 37.00 -28.48
N ARG C 288 -19.90 37.17 -29.26
CA ARG C 288 -20.66 38.44 -29.23
C ARG C 288 -21.74 38.30 -28.15
N VAL C 289 -21.77 39.24 -27.19
CA VAL C 289 -22.73 39.22 -26.05
C VAL C 289 -23.71 40.41 -25.89
N ALA C 290 -24.73 40.22 -25.07
CA ALA C 290 -25.63 41.30 -24.63
C ALA C 290 -26.02 41.05 -23.17
N PRO C 291 -26.59 42.09 -22.49
CA PRO C 291 -27.05 41.94 -21.11
C PRO C 291 -28.12 40.87 -20.96
N GLY C 292 -28.05 40.08 -19.88
CA GLY C 292 -29.01 39.02 -19.64
C GLY C 292 -29.65 39.00 -18.26
N THR C 293 -30.57 38.05 -18.05
CA THR C 293 -31.17 37.81 -16.73
C THR C 293 -30.35 36.82 -15.87
N GLY C 294 -29.51 36.01 -16.52
CA GLY C 294 -28.78 34.93 -15.84
C GLY C 294 -28.18 35.22 -14.47
N THR C 295 -28.05 34.17 -13.65
CA THR C 295 -27.16 34.17 -12.49
C THR C 295 -25.79 34.73 -12.95
N LEU C 296 -25.35 34.28 -14.13
CA LEU C 296 -24.37 35.01 -14.90
C LEU C 296 -25.12 35.93 -15.84
N PRO C 297 -24.99 37.25 -15.66
CA PRO C 297 -25.92 38.22 -16.28
C PRO C 297 -25.60 38.67 -17.72
N VAL C 298 -25.31 37.70 -18.59
CA VAL C 298 -25.17 37.96 -20.02
C VAL C 298 -25.84 36.89 -20.88
N ARG C 299 -26.21 37.23 -22.11
CA ARG C 299 -26.82 36.30 -23.05
C ARG C 299 -25.87 36.18 -24.26
N TYR C 300 -25.64 34.96 -24.74
CA TYR C 300 -24.77 34.77 -25.90
C TYR C 300 -25.59 34.94 -27.14
N LEU C 301 -25.19 35.89 -27.99
CA LEU C 301 -25.83 36.10 -29.29
C LEU C 301 -25.30 35.09 -30.33
N PRO C 302 -26.07 34.84 -31.41
CA PRO C 302 -25.50 34.09 -32.53
C PRO C 302 -24.26 34.76 -33.17
N PRO C 303 -23.48 33.97 -33.94
CA PRO C 303 -22.39 34.48 -34.77
C PRO C 303 -22.84 35.39 -35.92
N GLU C 304 -22.07 36.43 -36.19
CA GLU C 304 -22.29 37.34 -37.34
C GLU C 304 -21.13 37.18 -38.34
N GLY C 305 -21.44 36.84 -39.59
CA GLY C 305 -20.40 36.49 -40.57
C GLY C 305 -19.85 35.07 -40.40
N PRO C 306 -18.83 34.69 -41.21
CA PRO C 306 -18.39 33.30 -41.44
C PRO C 306 -18.26 32.46 -40.16
N ALA C 307 -18.79 31.24 -40.20
CA ALA C 307 -18.68 30.27 -39.08
C ALA C 307 -18.25 28.86 -39.48
N THR C 308 -17.76 28.12 -38.49
CA THR C 308 -17.35 26.72 -38.63
C THR C 308 -18.57 25.82 -38.43
N ALA C 309 -18.46 24.58 -38.90
CA ALA C 309 -19.45 23.53 -38.65
C ALA C 309 -19.89 23.53 -37.19
N MET C 310 -19.11 24.20 -36.35
CA MET C 310 -19.35 24.31 -34.92
C MET C 310 -20.38 25.38 -34.51
N GLY C 311 -20.65 26.35 -35.39
CA GLY C 311 -21.38 27.55 -34.96
C GLY C 311 -20.45 28.52 -34.25
N TRP C 312 -19.16 28.45 -34.60
CA TRP C 312 -18.10 29.34 -34.08
C TRP C 312 -17.59 30.32 -35.11
N GLU C 313 -17.64 31.59 -34.73
CA GLU C 313 -17.23 32.71 -35.56
C GLU C 313 -15.77 32.63 -35.97
N VAL C 314 -15.50 32.77 -37.27
CA VAL C 314 -14.12 32.82 -37.82
C VAL C 314 -13.58 34.25 -37.74
N TYR C 315 -12.53 34.47 -36.97
CA TYR C 315 -12.05 35.83 -36.76
C TYR C 315 -10.55 35.82 -36.39
N PRO C 316 -9.69 35.72 -37.43
CA PRO C 316 -8.24 35.67 -37.36
C PRO C 316 -7.62 36.81 -36.56
N GLU C 317 -8.18 38.00 -36.64
CA GLU C 317 -7.60 39.12 -35.96
C GLU C 317 -7.83 39.06 -34.45
N GLY C 318 -8.80 38.27 -34.02
CA GLY C 318 -9.02 38.03 -32.60
C GLY C 318 -7.77 37.42 -31.99
N LEU C 319 -7.15 36.48 -32.72
CA LEU C 319 -5.91 35.85 -32.32
C LEU C 319 -4.77 36.87 -32.27
N HIS C 320 -4.69 37.79 -33.25
CA HIS C 320 -3.69 38.88 -33.17
C HIS C 320 -3.82 39.71 -31.89
N HIS C 321 -5.04 40.17 -31.63
CA HIS C 321 -5.31 41.08 -30.55
C HIS C 321 -5.11 40.40 -29.19
N LEU C 322 -5.54 39.14 -29.09
CA LEU C 322 -5.35 38.38 -27.88
C LEU C 322 -3.87 38.22 -27.54
N LEU C 323 -3.06 37.96 -28.57
CA LEU C 323 -1.62 37.76 -28.34
C LEU C 323 -0.89 39.03 -27.88
N LYS C 324 -1.33 40.17 -28.38
CA LYS C 324 -0.84 41.46 -27.98
C LYS C 324 -1.27 41.77 -26.55
N ARG C 325 -2.53 41.51 -26.22
CA ARG C 325 -3.05 41.66 -24.86
C ARG C 325 -2.19 40.85 -23.88
N LEU C 326 -2.06 39.55 -24.18
CA LEU C 326 -1.39 38.60 -23.32
C LEU C 326 0.08 38.89 -23.22
N GLY C 327 0.68 39.30 -24.34
CA GLY C 327 2.08 39.72 -24.34
C GLY C 327 2.37 40.91 -23.44
N ARG C 328 1.38 41.79 -23.24
CA ARG C 328 1.53 42.93 -22.36
C ARG C 328 1.41 42.57 -20.87
N GLU C 329 0.79 41.44 -20.54
CA GLU C 329 0.39 41.16 -19.15
C GLU C 329 1.03 39.89 -18.56
N VAL C 330 1.52 38.99 -19.44
CA VAL C 330 2.06 37.70 -19.00
C VAL C 330 3.61 37.73 -19.09
N PRO C 331 4.28 37.62 -17.95
CA PRO C 331 5.72 37.76 -17.95
C PRO C 331 6.47 36.53 -18.53
N TRP C 332 5.78 35.64 -19.22
CA TRP C 332 6.35 34.34 -19.67
C TRP C 332 6.13 34.18 -21.16
N PRO C 333 6.95 33.34 -21.82
CA PRO C 333 6.69 33.01 -23.23
C PRO C 333 5.27 32.40 -23.55
N LEU C 334 4.78 32.63 -24.77
CA LEU C 334 3.48 32.09 -25.16
C LEU C 334 3.64 31.03 -26.23
N TYR C 335 2.76 30.05 -26.15
CA TYR C 335 2.57 29.05 -27.21
C TYR C 335 1.05 29.04 -27.54
N VAL C 336 0.68 29.13 -28.84
CA VAL C 336 -0.68 28.82 -29.23
C VAL C 336 -0.76 27.31 -29.22
N THR C 337 -1.35 26.76 -28.17
CA THR C 337 -1.34 25.33 -27.98
C THR C 337 -2.52 24.61 -28.64
N GLU C 338 -3.55 25.36 -29.06
CA GLU C 338 -4.61 24.85 -29.93
C GLU C 338 -5.13 25.96 -30.82
N ASN C 339 -5.30 25.64 -32.08
CA ASN C 339 -6.00 26.48 -33.03
C ASN C 339 -6.38 25.59 -34.25
N GLY C 340 -7.62 25.74 -34.73
CA GLY C 340 -8.14 24.88 -35.79
C GLY C 340 -9.63 25.08 -36.05
N ALA C 341 -10.23 24.18 -36.85
CA ALA C 341 -11.64 24.36 -37.29
C ALA C 341 -12.29 23.08 -37.80
N ALA C 342 -13.59 23.00 -37.49
CA ALA C 342 -14.40 21.84 -37.79
C ALA C 342 -15.23 22.20 -39.01
N TYR C 343 -15.06 21.41 -40.06
CA TYR C 343 -15.82 21.56 -41.27
C TYR C 343 -16.36 20.22 -41.76
N PRO C 344 -17.43 20.26 -42.58
CA PRO C 344 -17.85 18.99 -43.17
C PRO C 344 -16.81 18.56 -44.21
N ASP C 345 -16.20 17.41 -44.01
CA ASP C 345 -15.20 16.91 -44.94
C ASP C 345 -15.85 15.74 -45.63
N LEU C 346 -15.53 15.51 -46.89
CA LEU C 346 -16.14 14.37 -47.59
C LEU C 346 -15.11 13.44 -48.20
N TRP C 347 -15.09 12.19 -47.77
CA TRP C 347 -14.15 11.19 -48.30
C TRP C 347 -14.78 10.08 -49.11
N THR C 348 -14.12 9.79 -50.23
CA THR C 348 -14.58 8.77 -51.17
C THR C 348 -13.45 7.92 -51.77
N GLY C 349 -12.35 7.73 -51.03
CA GLY C 349 -11.29 6.87 -51.52
C GLY C 349 -10.21 7.52 -52.39
N GLU C 350 -10.35 8.83 -52.63
CA GLU C 350 -9.34 9.64 -53.31
C GLU C 350 -8.06 9.81 -52.45
N ALA C 351 -6.98 10.31 -53.06
CA ALA C 351 -5.66 10.40 -52.41
C ALA C 351 -5.52 11.62 -51.48
N VAL C 352 -6.28 12.70 -51.75
CA VAL C 352 -6.29 13.84 -50.83
C VAL C 352 -7.68 14.43 -50.58
N VAL C 353 -8.09 14.50 -49.30
CA VAL C 353 -9.40 15.08 -48.97
C VAL C 353 -9.39 16.63 -48.99
N GLU C 354 -10.18 17.22 -49.88
CA GLU C 354 -10.15 18.67 -50.05
C GLU C 354 -10.96 19.39 -48.99
N ASP C 355 -10.32 20.38 -48.37
CA ASP C 355 -10.95 21.13 -47.27
C ASP C 355 -10.46 22.56 -47.29
N PRO C 356 -10.69 23.27 -48.42
CA PRO C 356 -10.13 24.59 -48.61
C PRO C 356 -10.63 25.59 -47.58
N GLU C 357 -11.75 25.30 -46.92
CA GLU C 357 -12.16 26.17 -45.82
C GLU C 357 -11.22 26.04 -44.60
N ARG C 358 -10.86 24.81 -44.22
CA ARG C 358 -9.93 24.60 -43.11
C ARG C 358 -8.61 25.27 -43.44
N VAL C 359 -8.13 25.10 -44.67
CA VAL C 359 -6.88 25.73 -45.14
C VAL C 359 -6.86 27.26 -44.97
N ALA C 360 -7.87 27.93 -45.53
CA ALA C 360 -8.01 29.37 -45.40
C ALA C 360 -8.07 29.80 -43.89
N TYR C 361 -8.77 29.01 -43.08
CA TYR C 361 -8.83 29.23 -41.65
C TYR C 361 -7.41 29.20 -41.00
N LEU C 362 -6.63 28.16 -41.26
CA LEU C 362 -5.32 28.05 -40.64
C LEU C 362 -4.33 29.06 -41.17
N GLU C 363 -4.33 29.22 -42.48
CA GLU C 363 -3.46 30.18 -43.14
C GLU C 363 -3.67 31.60 -42.61
N ALA C 364 -4.93 32.04 -42.48
CA ALA C 364 -5.21 33.35 -41.84
C ALA C 364 -4.88 33.46 -40.33
N HIS C 365 -5.10 32.41 -39.53
CA HIS C 365 -4.62 32.47 -38.13
C HIS C 365 -3.14 32.44 -37.92
N VAL C 366 -2.44 31.62 -38.70
CA VAL C 366 -0.98 31.62 -38.66
C VAL C 366 -0.40 33.02 -38.90
N GLU C 367 -0.90 33.72 -39.92
CA GLU C 367 -0.51 35.10 -40.20
C GLU C 367 -0.72 36.03 -38.97
N ALA C 368 -1.93 36.03 -38.41
CA ALA C 368 -2.22 36.83 -37.22
C ALA C 368 -1.21 36.63 -36.08
N ALA C 369 -0.91 35.36 -35.77
CA ALA C 369 0.07 35.02 -34.75
C ALA C 369 1.51 35.43 -35.08
N LEU C 370 1.96 35.19 -36.32
CA LEU C 370 3.33 35.58 -36.70
C LEU C 370 3.52 37.10 -36.74
N ARG C 371 2.44 37.81 -37.06
CA ARG C 371 2.39 39.26 -36.99
C ARG C 371 2.41 39.76 -35.53
N ALA C 372 1.70 39.07 -34.64
CA ALA C 372 1.81 39.42 -33.23
C ALA C 372 3.25 39.19 -32.76
N ARG C 373 3.84 38.08 -33.16
CA ARG C 373 5.24 37.76 -32.89
C ARG C 373 6.19 38.83 -33.40
N GLU C 374 6.07 39.19 -34.68
CA GLU C 374 6.91 40.22 -35.30
C GLU C 374 6.82 41.57 -34.62
N GLU C 375 5.68 41.86 -34.02
CA GLU C 375 5.46 43.09 -33.27
C GLU C 375 5.92 42.98 -31.81
N GLY C 376 6.67 41.92 -31.49
CA GLY C 376 7.33 41.77 -30.20
C GLY C 376 6.74 40.81 -29.16
N VAL C 377 5.63 40.14 -29.44
CA VAL C 377 5.08 39.14 -28.52
C VAL C 377 6.00 37.93 -28.54
N ASP C 378 6.35 37.45 -27.36
CA ASP C 378 7.27 36.32 -27.20
C ASP C 378 6.53 34.98 -27.42
N LEU C 379 6.15 34.76 -28.68
CA LEU C 379 5.42 33.61 -29.14
C LEU C 379 6.41 32.55 -29.63
N ARG C 380 6.37 31.34 -29.09
CA ARG C 380 7.45 30.43 -29.45
C ARG C 380 6.96 29.15 -30.12
N GLY C 381 5.69 29.11 -30.49
CA GLY C 381 5.25 28.07 -31.34
C GLY C 381 3.77 28.04 -31.51
N TYR C 382 3.34 27.15 -32.38
CA TYR C 382 1.95 27.17 -32.82
C TYR C 382 1.52 25.72 -33.07
N PHE C 383 0.43 25.32 -32.43
CA PHE C 383 -0.08 23.96 -32.54
C PHE C 383 -1.46 23.93 -33.19
N VAL C 384 -1.57 23.11 -34.22
CA VAL C 384 -2.85 22.96 -34.90
C VAL C 384 -3.68 21.88 -34.23
N TRP C 385 -4.93 22.25 -33.94
CA TRP C 385 -5.96 21.29 -33.51
C TRP C 385 -6.75 20.87 -34.74
N SER C 386 -6.58 19.62 -35.16
CA SER C 386 -5.79 18.62 -34.49
C SER C 386 -5.07 17.83 -35.59
N LEU C 387 -4.14 16.94 -35.22
CA LEU C 387 -3.54 16.03 -36.18
C LEU C 387 -4.54 15.23 -37.04
N MET C 388 -5.59 14.69 -36.38
CA MET C 388 -6.59 13.86 -37.06
C MET C 388 -7.97 14.01 -36.45
N ASP C 389 -9.01 13.78 -37.24
CA ASP C 389 -10.37 13.71 -36.69
C ASP C 389 -10.44 12.71 -35.53
N ASN C 390 -11.27 13.02 -34.56
CA ASN C 390 -11.27 12.30 -33.29
C ASN C 390 -12.60 12.45 -32.56
N PHE C 391 -12.67 11.96 -31.33
CA PHE C 391 -13.87 12.10 -30.50
C PHE C 391 -13.97 13.51 -29.95
N GLU C 392 -14.95 14.24 -30.47
CA GLU C 392 -15.05 15.67 -30.22
C GLU C 392 -16.10 15.94 -29.12
N TRP C 393 -15.84 15.29 -27.98
CA TRP C 393 -16.62 15.46 -26.74
C TRP C 393 -18.12 15.27 -26.95
N ALA C 394 -18.94 16.22 -26.46
CA ALA C 394 -20.42 16.21 -26.66
C ALA C 394 -20.84 16.14 -28.11
N PHE C 395 -19.92 16.43 -29.02
CA PHE C 395 -20.22 16.29 -30.43
C PHE C 395 -19.97 14.88 -30.99
N GLY C 396 -19.30 14.02 -30.21
CA GLY C 396 -18.92 12.69 -30.71
C GLY C 396 -18.15 12.84 -32.00
N TYR C 397 -18.44 11.99 -32.97
CA TYR C 397 -17.64 12.04 -34.17
C TYR C 397 -18.32 12.91 -35.21
N THR C 398 -19.34 13.66 -34.81
CA THR C 398 -20.07 14.51 -35.76
C THR C 398 -19.25 15.69 -36.26
N ARG C 399 -18.17 16.01 -35.58
CA ARG C 399 -17.34 17.14 -35.97
C ARG C 399 -15.96 16.60 -36.31
N ARG C 400 -15.40 17.02 -37.43
CA ARG C 400 -14.06 16.63 -37.87
C ARG C 400 -13.07 17.80 -37.90
N SER C 401 -12.01 17.77 -37.10
CA SER C 401 -11.12 18.92 -37.15
C SER C 401 -9.65 18.57 -37.37
N GLY C 402 -9.43 17.49 -38.10
CA GLY C 402 -8.08 17.02 -38.33
C GLY C 402 -7.40 17.55 -39.57
N LEU C 403 -6.08 17.55 -39.52
CA LEU C 403 -5.28 17.70 -40.72
C LEU C 403 -5.37 16.39 -41.54
N TYR C 404 -5.57 15.25 -40.84
CA TYR C 404 -5.86 13.97 -41.52
C TYR C 404 -7.31 13.58 -41.34
N TYR C 405 -7.96 13.16 -42.42
CA TYR C 405 -9.27 12.49 -42.32
C TYR C 405 -9.08 11.05 -41.78
N VAL C 406 -9.96 10.61 -40.89
CA VAL C 406 -9.98 9.26 -40.35
C VAL C 406 -11.29 8.53 -40.67
N ASP C 407 -11.21 7.44 -41.44
CA ASP C 407 -12.42 6.68 -41.72
C ASP C 407 -12.54 5.69 -40.59
N PHE C 408 -13.41 5.97 -39.62
CA PHE C 408 -13.36 5.20 -38.37
C PHE C 408 -13.58 3.71 -38.49
N PRO C 409 -14.39 3.27 -39.48
CA PRO C 409 -14.53 1.85 -39.70
C PRO C 409 -13.24 1.07 -40.01
N SER C 410 -12.34 1.62 -40.82
CA SER C 410 -11.10 0.90 -41.18
C SER C 410 -9.89 1.44 -40.45
N GLN C 411 -10.07 2.62 -39.84
CA GLN C 411 -9.00 3.35 -39.13
C GLN C 411 -7.92 3.93 -40.04
N ARG C 412 -8.21 4.05 -41.34
CA ARG C 412 -7.23 4.62 -42.27
C ARG C 412 -7.15 6.10 -42.05
N ARG C 413 -5.95 6.64 -42.21
CA ARG C 413 -5.75 8.08 -42.19
C ARG C 413 -5.53 8.57 -43.62
N ILE C 414 -6.30 9.58 -44.04
CA ILE C 414 -6.09 10.17 -45.36
C ILE C 414 -5.76 11.62 -45.14
N PRO C 415 -4.68 12.10 -45.77
CA PRO C 415 -4.27 13.51 -45.64
C PRO C 415 -5.32 14.44 -46.21
N LYS C 416 -5.67 15.52 -45.51
CA LYS C 416 -6.51 16.58 -46.13
C LYS C 416 -5.59 17.58 -46.77
N ARG C 417 -6.13 18.48 -47.59
CA ARG C 417 -5.26 19.51 -48.20
C ARG C 417 -4.50 20.26 -47.11
N SER C 418 -5.18 20.60 -46.02
CA SER C 418 -4.54 21.31 -44.89
C SER C 418 -3.27 20.62 -44.37
N ALA C 419 -3.22 19.28 -44.42
CA ALA C 419 -1.99 18.53 -44.11
C ALA C 419 -0.84 19.02 -44.98
N LEU C 420 -1.10 19.10 -46.29
CA LEU C 420 -0.07 19.41 -47.29
C LEU C 420 0.32 20.87 -47.27
N TRP C 421 -0.65 21.70 -46.90
CA TRP C 421 -0.44 23.12 -46.76
C TRP C 421 0.44 23.27 -45.57
N TYR C 422 0.04 22.68 -44.46
CA TYR C 422 0.85 22.83 -43.22
C TYR C 422 2.30 22.42 -43.44
N ARG C 423 2.50 21.33 -44.17
CA ARG C 423 3.84 20.89 -44.54
C ARG C 423 4.65 21.94 -45.28
N GLU C 424 4.09 22.51 -46.36
CA GLU C 424 4.82 23.55 -47.08
C GLU C 424 5.00 24.83 -46.25
N ARG C 425 3.99 25.14 -45.46
CA ARG C 425 4.04 26.34 -44.64
C ARG C 425 5.19 26.25 -43.62
N ILE C 426 5.43 25.06 -43.08
CA ILE C 426 6.62 24.80 -42.24
C ILE C 426 7.93 24.93 -43.03
N ALA C 427 8.01 24.29 -44.19
CA ALA C 427 9.18 24.35 -45.06
C ALA C 427 9.67 25.78 -45.31
N ARG C 428 8.77 26.67 -45.70
CA ARG C 428 9.04 28.10 -45.85
C ARG C 428 9.65 28.72 -44.59
N ALA C 429 9.76 27.89 -43.54
CA ALA C 429 10.43 28.18 -42.24
C ALA C 429 10.28 29.61 -41.76
C1 GOL D . 23.57 -17.67 -3.64
O1 GOL D . 23.88 -17.98 -5.00
C2 GOL D . 22.39 -16.72 -3.51
O2 GOL D . 22.46 -15.67 -4.52
C3 GOL D . 22.56 -16.16 -2.09
O3 GOL D . 21.41 -15.51 -1.62
CL CL E . 22.45 -12.21 6.55
C1 GOL F . -16.08 -3.92 28.72
O1 GOL F . -17.49 -3.60 28.55
C2 GOL F . -15.65 -5.23 28.00
O2 GOL F . -16.54 -5.81 27.05
C3 GOL F . -14.17 -5.19 27.68
O3 GOL F . -13.80 -6.20 26.74
CL CL G . -5.80 -9.14 29.66
C1 GOL H . -10.73 21.05 -27.59
O1 GOL H . -11.13 19.83 -28.25
C2 GOL H . -9.63 20.69 -26.60
O2 GOL H . -9.27 21.67 -25.62
C3 GOL H . -10.12 19.48 -25.84
O3 GOL H . -9.82 18.43 -26.71
CL CL I . -9.47 27.75 -19.24
#